data_8WST
#
_entry.id   8WST
#
_cell.length_a   1.00
_cell.length_b   1.00
_cell.length_c   1.00
_cell.angle_alpha   90.00
_cell.angle_beta   90.00
_cell.angle_gamma   90.00
#
_symmetry.space_group_name_H-M   'P 1'
#
loop_
_entity.id
_entity.type
_entity.pdbx_description
1 polymer 'Guanine nucleotide-binding protein G(q) subunit alpha-1'
2 polymer 'Guanine nucleotide-binding protein G(I)/G(S)/G(T) subunit beta-1'
3 polymer 'Guanine nucleotide-binding protein G(I)/G(S)/G(O) subunit gamma-2'
4 polymer Pro-MCH
5 polymer NB35
6 polymer 'Melanin-concentrating hormone receptor 2'
#
loop_
_entity_poly.entity_id
_entity_poly.type
_entity_poly.pdbx_seq_one_letter_code
_entity_poly.pdbx_strand_id
1 'polypeptide(L)'
;MGSTVSAEDKAAAERSKMIDKNLREDGEKARRTLRLLLLGADNSGKSTIVKQMRILHGGSGGSGGTSGIFETKFQVDKVN
FHMFDVGGQRDERRKWIQCFNDVTAIIFVVDSSDYNRLQEALNDFKSIWNNRWLRTISVILFLNKQDLLAEKVLAGKSKI
EDYFPEFARYTTPEDATPEPGEDPRVTRAKYFIRKEFVDISTASGDGRHICYPHFTCAVDTENARRIFNDCKDIILQMNL
REYNLV
;
A
2 'polypeptide(L)'
;HHHGSLLQSELDQLRQEAEQLKNQIRDARKACADATLSQITNNIDPVGRIQMRTRRTLRGHLAKIYAMHWGTDSRLLVSA
SQDGKLIIWDSYTTNKVHAIPLRSSWVMTCAYAPSGNYVACGGLDNICSIYNLKTREGNVRVSRELAGHTGYLSCCRFLD
DNQIVTSSGDTTCALWDIETGQQTTTFTGHTGDVMSLSLAPDTRLFVSGACDASAKLWDVREGMCRQTFTGHESDINAIC
FFPNGNAFATGSDDATCRLFDLRADQELMTYSHDNIICGITSVSFSKSGRLLLAGYDDFNCNVWDALKADRAGVLAGHDN
RVSCLGVTDDGMAVATGSWDSFLKIWNGS
;
B
3 'polypeptide(L)' MASNNTASIAQARKLVEQLKMEANIDRIKVSKAAADLMAYCEAHAKEDPLLTPVPASENPFREKKFFCAIL G
4 'polypeptide(L)' DFDMLRCMLGRVYRPCWQV L
5 'polypeptide(L)'
;MAQVQLQESGGGLVQPGGSLRLSCAASGFTFSNYKMNWVRQAPGKGLEWVSDISQSGASISYTGSVKGRFTISRDNAKNT
LYLQMNSLKPEDTAVYYCARCPAPFTRDCFDVTSTTYAYRGQGTQVTVSSH
;
N
6 'polypeptide(L)'
;MNPFHASCWNTSAELLNKSWNKEFAYQTASVVDTVILPSMIGIICSTGLVGNILIVFTIIRSRKKTVPDIYICNLAVADL
VHIVGMPFLIHQWARGGEWVFGGPLCTIITSLDTCNQFACSAIMTVMSVDRYFALVQPFRLTRWRTRYKTIRINLGLWAA
SFILALPVWVYSKVIKFKDGVESCAFDLTSPDDVLWYTLYLTITTFFFPLPLILVCYILILCYTWEMYQQNKDARCCNPS
VPKQRVMKLTKMVLVYVVVFILSAAPYHVIQLVNLQMEQPTLAFYVGYYLSICLSYASSSINPFLYILLSGNFQKRLPQI
QRRATEKEINN
;
R
#
# COMPACT_ATOMS: atom_id res chain seq x y z
N THR A 4 -7.87 -34.75 -23.44
CA THR A 4 -7.57 -33.95 -22.22
C THR A 4 -6.75 -32.72 -22.56
N VAL A 5 -5.43 -32.92 -22.70
CA VAL A 5 -4.51 -31.84 -23.03
C VAL A 5 -3.59 -32.30 -24.15
N SER A 6 -3.01 -31.33 -24.85
CA SER A 6 -2.10 -31.60 -25.95
C SER A 6 -0.65 -31.42 -25.49
N ALA A 7 0.28 -31.78 -26.37
CA ALA A 7 1.69 -31.65 -26.05
C ALA A 7 2.07 -30.18 -25.83
N GLU A 8 1.57 -29.29 -26.68
CA GLU A 8 1.86 -27.87 -26.51
C GLU A 8 1.31 -27.36 -25.20
N ASP A 9 0.09 -27.75 -24.84
CA ASP A 9 -0.49 -27.32 -23.58
C ASP A 9 0.33 -27.83 -22.39
N LYS A 10 0.77 -29.08 -22.45
CA LYS A 10 1.57 -29.63 -21.37
C LYS A 10 2.91 -28.90 -21.25
N ALA A 11 3.53 -28.59 -22.39
CA ALA A 11 4.78 -27.85 -22.37
C ALA A 11 4.59 -26.46 -21.78
N ALA A 12 3.49 -25.79 -22.15
CA ALA A 12 3.21 -24.47 -21.61
C ALA A 12 2.97 -24.55 -20.10
N ALA A 13 2.25 -25.57 -19.65
CA ALA A 13 2.02 -25.73 -18.21
C ALA A 13 3.33 -25.98 -17.47
N GLU A 14 4.21 -26.81 -18.02
CA GLU A 14 5.50 -27.06 -17.38
C GLU A 14 6.34 -25.78 -17.33
N ARG A 15 6.33 -25.01 -18.42
CA ARG A 15 7.06 -23.74 -18.42
C ARG A 15 6.51 -22.79 -17.37
N SER A 16 5.18 -22.72 -17.25
CA SER A 16 4.56 -21.87 -16.24
C SER A 16 4.94 -22.32 -14.84
N LYS A 17 4.97 -23.63 -14.60
CA LYS A 17 5.37 -24.13 -13.29
C LYS A 17 6.82 -23.79 -12.98
N MET A 18 7.71 -23.94 -13.97
CA MET A 18 9.11 -23.57 -13.76
C MET A 18 9.25 -22.08 -13.46
N ILE A 19 8.50 -21.25 -14.19
CA ILE A 19 8.54 -19.81 -13.96
C ILE A 19 8.03 -19.48 -12.56
N ASP A 20 6.97 -20.16 -12.12
CA ASP A 20 6.46 -19.95 -10.77
C ASP A 20 7.50 -20.33 -9.72
N LYS A 21 8.18 -21.45 -9.94
CA LYS A 21 9.22 -21.86 -8.99
C LYS A 21 10.36 -20.83 -8.95
N ASN A 22 10.79 -20.35 -10.11
CA ASN A 22 11.85 -19.35 -10.13
C ASN A 22 11.41 -18.05 -9.46
N LEU A 23 10.16 -17.65 -9.69
CA LEU A 23 9.65 -16.44 -9.06
C LEU A 23 9.58 -16.60 -7.54
N ARG A 24 9.17 -17.77 -7.06
CA ARG A 24 9.16 -18.00 -5.62
C ARG A 24 10.58 -17.97 -5.05
N GLU A 25 11.54 -18.55 -5.77
CA GLU A 25 12.93 -18.50 -5.31
C GLU A 25 13.41 -17.06 -5.24
N ASP A 26 13.11 -16.25 -6.25
CA ASP A 26 13.52 -14.85 -6.25
C ASP A 26 12.85 -14.08 -5.13
N GLY A 27 11.56 -14.36 -4.89
CA GLY A 27 10.86 -13.70 -3.80
C GLY A 27 11.46 -14.04 -2.45
N GLU A 28 11.85 -15.31 -2.26
CA GLU A 28 12.52 -15.69 -1.03
C GLU A 28 13.87 -15.02 -0.90
N LYS A 29 14.62 -14.90 -2.00
CA LYS A 29 15.91 -14.23 -1.96
C LYS A 29 15.73 -12.77 -1.56
N ALA A 30 14.71 -12.10 -2.10
CA ALA A 30 14.47 -10.70 -1.78
C ALA A 30 13.89 -10.53 -0.37
N ARG A 31 13.22 -11.57 0.15
CA ARG A 31 12.58 -11.45 1.46
C ARG A 31 13.61 -11.24 2.56
N ARG A 32 14.79 -11.83 2.43
CA ARG A 32 15.84 -11.70 3.44
C ARG A 32 16.70 -10.47 3.23
N THR A 33 16.18 -9.46 2.52
CA THR A 33 16.89 -8.21 2.29
C THR A 33 15.97 -7.06 2.65
N LEU A 34 16.53 -6.05 3.31
CA LEU A 34 15.78 -4.87 3.73
C LEU A 34 16.11 -3.71 2.81
N ARG A 35 15.06 -3.04 2.32
CA ARG A 35 15.22 -1.91 1.40
C ARG A 35 14.96 -0.61 2.15
N LEU A 36 15.86 0.34 1.99
CA LEU A 36 15.79 1.63 2.67
C LEU A 36 15.85 2.74 1.65
N LEU A 37 15.10 3.82 1.90
CA LEU A 37 15.11 5.00 1.06
C LEU A 37 15.90 6.10 1.76
N LEU A 38 16.95 6.60 1.10
CA LEU A 38 17.79 7.65 1.65
C LEU A 38 17.48 8.95 0.94
N LEU A 39 17.14 9.98 1.71
CA LEU A 39 16.82 11.29 1.15
C LEU A 39 17.18 12.36 2.17
N GLY A 40 17.32 13.58 1.69
CA GLY A 40 17.66 14.71 2.53
C GLY A 40 18.18 15.87 1.70
N ALA A 41 18.51 16.96 2.38
CA ALA A 41 19.02 18.15 1.71
C ALA A 41 20.44 17.90 1.20
N ASP A 42 20.92 18.83 0.37
CA ASP A 42 22.26 18.69 -0.19
C ASP A 42 23.33 18.72 0.90
N ASN A 43 23.17 19.58 1.91
CA ASN A 43 24.15 19.73 2.98
C ASN A 43 23.92 18.75 4.12
N SER A 44 22.92 17.86 4.02
CA SER A 44 22.66 16.92 5.10
C SER A 44 23.85 16.00 5.35
N GLY A 45 24.46 15.49 4.29
CA GLY A 45 25.59 14.61 4.43
C GLY A 45 25.29 13.15 4.17
N LYS A 46 24.40 12.84 3.23
CA LYS A 46 24.07 11.45 2.93
C LYS A 46 25.29 10.71 2.40
N SER A 47 26.06 11.35 1.53
CA SER A 47 27.19 10.68 0.88
C SER A 47 28.20 10.22 1.91
N THR A 48 28.52 11.08 2.88
CA THR A 48 29.50 10.71 3.91
C THR A 48 29.00 9.52 4.73
N ILE A 49 27.71 9.54 5.09
CA ILE A 49 27.16 8.47 5.91
C ILE A 49 27.21 7.14 5.16
N VAL A 50 26.81 7.15 3.89
CA VAL A 50 26.82 5.90 3.13
C VAL A 50 28.25 5.43 2.89
N LYS A 51 29.18 6.35 2.65
CA LYS A 51 30.58 5.97 2.47
C LYS A 51 31.14 5.33 3.73
N GLN A 52 30.83 5.89 4.90
CA GLN A 52 31.28 5.29 6.15
C GLN A 52 30.64 3.91 6.35
N MET A 53 29.37 3.78 6.00
CA MET A 53 28.69 2.49 6.16
C MET A 53 29.32 1.42 5.27
N ARG A 54 29.62 1.75 4.02
CA ARG A 54 30.13 0.76 3.08
C ARG A 54 31.63 0.51 3.23
N ILE A 55 32.35 1.36 3.94
CA ILE A 55 33.79 1.19 4.11
C ILE A 55 34.07 0.47 5.41
N ILE A 69 19.84 5.63 -10.06
CA ILE A 69 19.80 5.61 -8.61
C ILE A 69 21.11 5.05 -8.05
N PHE A 70 21.64 5.69 -7.02
CA PHE A 70 22.86 5.24 -6.37
C PHE A 70 22.49 4.27 -5.26
N GLU A 71 23.01 3.04 -5.34
CA GLU A 71 22.67 1.96 -4.43
C GLU A 71 23.88 1.60 -3.58
N THR A 72 23.68 1.56 -2.26
CA THR A 72 24.72 1.18 -1.32
C THR A 72 24.28 -0.08 -0.59
N LYS A 73 25.16 -1.08 -0.55
CA LYS A 73 24.89 -2.36 0.08
C LYS A 73 25.81 -2.55 1.27
N PHE A 74 25.22 -2.81 2.43
CA PHE A 74 25.98 -3.12 3.63
C PHE A 74 25.25 -4.20 4.41
N GLN A 75 26.03 -5.06 5.08
CA GLN A 75 25.50 -6.22 5.78
C GLN A 75 25.85 -6.11 7.26
N VAL A 76 24.83 -6.22 8.12
CA VAL A 76 25.00 -6.18 9.57
C VAL A 76 24.35 -7.42 10.15
N ASP A 77 25.10 -8.17 10.95
CA ASP A 77 24.61 -9.41 11.56
C ASP A 77 24.07 -10.36 10.49
N LYS A 78 24.78 -10.44 9.38
CA LYS A 78 24.40 -11.32 8.26
C LYS A 78 23.00 -10.98 7.75
N VAL A 79 22.63 -9.70 7.78
CA VAL A 79 21.37 -9.23 7.24
C VAL A 79 21.66 -8.18 6.18
N ASN A 80 21.13 -8.38 4.98
CA ASN A 80 21.41 -7.48 3.86
C ASN A 80 20.56 -6.23 3.96
N PHE A 81 21.20 -5.07 3.88
CA PHE A 81 20.52 -3.78 3.85
C PHE A 81 20.78 -3.13 2.50
N HIS A 82 19.70 -2.75 1.82
CA HIS A 82 19.78 -2.12 0.49
C HIS A 82 19.24 -0.71 0.62
N MET A 83 20.12 0.28 0.55
CA MET A 83 19.75 1.69 0.68
C MET A 83 19.82 2.35 -0.69
N PHE A 84 18.76 3.08 -1.02
CA PHE A 84 18.63 3.73 -2.32
C PHE A 84 18.75 5.24 -2.14
N ASP A 85 19.65 5.85 -2.93
CA ASP A 85 19.69 7.33 -2.99
C ASP A 85 19.15 7.59 -4.39
N VAL A 86 17.91 8.06 -4.52
CA VAL A 86 17.41 8.43 -5.88
C VAL A 86 18.45 9.38 -6.49
N GLY A 87 18.57 10.60 -5.95
CA GLY A 87 19.60 11.55 -6.42
C GLY A 87 19.80 11.50 -7.92
N GLY A 88 18.72 11.49 -8.69
CA GLY A 88 18.80 11.50 -10.16
C GLY A 88 17.53 12.04 -10.79
N GLN A 89 16.89 13.00 -10.13
CA GLN A 89 15.59 13.52 -10.63
C GLN A 89 15.47 15.02 -10.38
N ARG A 90 14.52 15.68 -11.07
CA ARG A 90 14.26 17.09 -10.88
C ARG A 90 13.88 17.37 -9.43
N ASP A 91 13.71 18.65 -9.09
CA ASP A 91 13.44 19.03 -7.71
C ASP A 91 12.07 18.60 -7.20
N GLU A 92 11.18 18.13 -8.08
CA GLU A 92 9.83 17.75 -7.71
C GLU A 92 9.81 16.28 -7.32
N ARG A 93 9.31 15.99 -6.12
CA ARG A 93 9.23 14.63 -5.61
C ARG A 93 7.79 14.12 -5.53
N ARG A 94 6.86 14.75 -6.24
CA ARG A 94 5.44 14.44 -6.06
C ARG A 94 5.12 13.01 -6.45
N LYS A 95 5.68 12.53 -7.56
CA LYS A 95 5.26 11.27 -8.15
C LYS A 95 6.22 10.12 -7.87
N TRP A 96 7.52 10.28 -8.20
CA TRP A 96 8.43 9.14 -8.09
C TRP A 96 8.57 8.67 -6.65
N ILE A 97 8.20 9.50 -5.68
CA ILE A 97 8.26 9.08 -4.28
C ILE A 97 7.32 7.92 -4.01
N GLN A 98 6.25 7.78 -4.80
CA GLN A 98 5.30 6.70 -4.60
C GLN A 98 5.91 5.33 -4.84
N CYS A 99 7.00 5.26 -5.61
CA CYS A 99 7.61 3.96 -5.91
C CYS A 99 8.11 3.28 -4.64
N PHE A 100 8.38 4.05 -3.59
CA PHE A 100 8.91 3.53 -2.33
C PHE A 100 7.82 3.32 -1.29
N ASN A 101 6.62 2.96 -1.72
CA ASN A 101 5.51 2.76 -0.79
C ASN A 101 5.70 1.55 0.09
N ASP A 102 6.62 0.64 -0.26
CA ASP A 102 6.82 -0.60 0.48
C ASP A 102 8.27 -0.79 0.92
N VAL A 103 8.96 0.31 1.25
CA VAL A 103 10.32 0.20 1.76
C VAL A 103 10.28 -0.08 3.26
N THR A 104 11.33 -0.70 3.77
CA THR A 104 11.39 -1.04 5.19
C THR A 104 11.35 0.22 6.05
N ALA A 105 12.12 1.23 5.68
CA ALA A 105 12.16 2.47 6.43
C ALA A 105 12.74 3.57 5.56
N ILE A 106 12.52 4.82 5.98
CA ILE A 106 13.06 5.98 5.30
C ILE A 106 14.09 6.62 6.23
N ILE A 107 15.30 6.82 5.72
CA ILE A 107 16.38 7.45 6.46
C ILE A 107 16.44 8.92 6.06
N PHE A 108 16.18 9.80 7.01
CA PHE A 108 16.15 11.25 6.78
C PHE A 108 17.33 11.86 7.52
N VAL A 109 18.16 12.61 6.80
CA VAL A 109 19.38 13.21 7.34
C VAL A 109 19.18 14.72 7.36
N VAL A 110 19.43 15.33 8.51
CA VAL A 110 19.25 16.77 8.71
C VAL A 110 20.56 17.34 9.26
N ASP A 111 21.00 18.44 8.66
CA ASP A 111 22.18 19.16 9.16
C ASP A 111 21.71 20.15 10.21
N SER A 112 21.81 19.76 11.48
CA SER A 112 21.34 20.61 12.57
C SER A 112 22.17 21.87 12.74
N SER A 113 23.40 21.90 12.21
CA SER A 113 24.24 23.08 12.35
C SER A 113 23.64 24.29 11.65
N ASP A 114 23.09 24.09 10.45
CA ASP A 114 22.53 25.18 9.66
C ASP A 114 21.15 25.53 10.21
N TYR A 115 21.06 26.64 10.95
CA TYR A 115 19.77 27.08 11.46
C TYR A 115 18.88 27.65 10.37
N ASN A 116 19.47 28.34 9.39
CA ASN A 116 18.69 28.87 8.29
C ASN A 116 18.05 27.76 7.47
N ARG A 117 18.78 26.67 7.24
CA ARG A 117 18.29 25.54 6.44
C ARG A 117 17.47 24.56 7.27
N LEU A 118 17.29 24.80 8.57
CA LEU A 118 16.56 23.86 9.41
C LEU A 118 15.05 23.93 9.18
N GLN A 119 14.52 25.13 8.91
CA GLN A 119 13.08 25.24 8.71
C GLN A 119 12.62 24.49 7.47
N GLU A 120 13.38 24.57 6.38
CA GLU A 120 13.03 23.80 5.19
C GLU A 120 13.14 22.31 5.44
N ALA A 121 14.13 21.89 6.25
CA ALA A 121 14.22 20.48 6.62
C ALA A 121 13.00 20.04 7.41
N LEU A 122 12.53 20.88 8.34
CA LEU A 122 11.32 20.55 9.08
C LEU A 122 10.11 20.46 8.16
N ASN A 123 10.01 21.37 7.20
CA ASN A 123 8.91 21.30 6.23
C ASN A 123 8.97 20.03 5.41
N ASP A 124 10.17 19.64 4.98
CA ASP A 124 10.34 18.41 4.21
C ASP A 124 9.94 17.20 5.06
N PHE A 125 10.34 17.18 6.33
CA PHE A 125 9.96 16.08 7.20
C PHE A 125 8.44 16.05 7.40
N LYS A 126 7.81 17.21 7.52
CA LYS A 126 6.35 17.25 7.61
C LYS A 126 5.70 16.66 6.37
N SER A 127 6.21 17.04 5.19
CA SER A 127 5.66 16.51 3.95
C SER A 127 5.82 15.00 3.87
N ILE A 128 6.99 14.50 4.25
CA ILE A 128 7.26 13.07 4.17
C ILE A 128 6.37 12.30 5.14
N TRP A 129 6.29 12.77 6.38
CA TRP A 129 5.57 12.03 7.41
C TRP A 129 4.08 11.96 7.12
N ASN A 130 3.51 13.06 6.61
CA ASN A 130 2.08 13.16 6.38
C ASN A 130 1.67 12.67 4.99
N ASN A 131 2.61 12.17 4.19
CA ASN A 131 2.26 11.70 2.86
C ASN A 131 1.28 10.53 2.94
N ARG A 132 0.27 10.56 2.07
CA ARG A 132 -0.74 9.51 2.09
C ARG A 132 -0.16 8.16 1.69
N TRP A 133 0.91 8.16 0.89
CA TRP A 133 1.53 6.92 0.44
C TRP A 133 2.67 6.46 1.34
N LEU A 134 2.97 7.21 2.41
CA LEU A 134 4.02 6.84 3.35
C LEU A 134 3.52 6.79 4.79
N ARG A 135 2.23 6.54 4.98
CA ARG A 135 1.67 6.52 6.33
C ARG A 135 2.15 5.32 7.12
N THR A 136 2.39 4.19 6.47
CA THR A 136 2.78 2.96 7.14
C THR A 136 4.29 2.75 7.18
N ILE A 137 5.08 3.72 6.71
CA ILE A 137 6.53 3.59 6.64
C ILE A 137 7.13 4.43 7.76
N SER A 138 7.93 3.78 8.62
CA SER A 138 8.64 4.48 9.67
C SER A 138 9.81 5.25 9.09
N VAL A 139 10.23 6.28 9.82
CA VAL A 139 11.32 7.17 9.40
C VAL A 139 12.43 7.09 10.43
N ILE A 140 13.65 6.88 9.97
CA ILE A 140 14.84 6.89 10.82
C ILE A 140 15.51 8.24 10.61
N LEU A 141 15.54 9.06 11.66
CA LEU A 141 16.03 10.42 11.56
C LEU A 141 17.45 10.50 12.10
N PHE A 142 18.37 11.04 11.29
CA PHE A 142 19.76 11.25 11.68
C PHE A 142 20.04 12.74 11.68
N LEU A 143 20.34 13.28 12.86
CA LEU A 143 20.72 14.69 13.00
C LEU A 143 22.23 14.79 12.84
N ASN A 144 22.66 14.86 11.57
CA ASN A 144 24.07 14.83 11.23
C ASN A 144 24.73 16.15 11.59
N LYS A 145 26.08 16.16 11.53
CA LYS A 145 26.88 17.33 11.82
C LYS A 145 26.62 17.82 13.25
N GLN A 146 26.94 16.95 14.21
CA GLN A 146 26.78 17.26 15.62
C GLN A 146 27.96 18.04 16.18
N ASP A 147 29.18 17.74 15.72
CA ASP A 147 30.34 18.51 16.17
C ASP A 147 30.25 19.96 15.72
N LEU A 148 29.83 20.18 14.46
CA LEU A 148 29.66 21.54 13.97
C LEU A 148 28.60 22.28 14.76
N LEU A 149 27.49 21.60 15.08
CA LEU A 149 26.47 22.22 15.91
C LEU A 149 27.01 22.56 17.28
N ALA A 150 27.78 21.66 17.89
CA ALA A 150 28.32 21.90 19.22
C ALA A 150 29.25 23.11 19.22
N GLU A 151 30.13 23.21 18.22
CA GLU A 151 31.04 24.35 18.17
C GLU A 151 30.29 25.64 17.87
N LYS A 152 29.24 25.58 17.04
CA LYS A 152 28.44 26.77 16.78
C LYS A 152 27.73 27.25 18.04
N VAL A 153 27.18 26.32 18.82
CA VAL A 153 26.52 26.71 20.06
C VAL A 153 27.50 27.35 21.02
N LEU A 154 28.70 26.80 21.14
CA LEU A 154 29.74 27.36 22.00
C LEU A 154 30.56 28.41 21.26
N ALA A 155 29.86 29.33 20.60
CA ALA A 155 30.49 30.42 19.87
C ALA A 155 30.02 31.79 20.33
N GLY A 156 28.72 31.94 20.59
CA GLY A 156 28.16 33.22 20.97
C GLY A 156 27.79 34.12 19.81
N LYS A 157 27.96 33.67 18.57
CA LYS A 157 27.68 34.49 17.40
C LYS A 157 26.25 34.32 16.92
N SER A 158 25.85 33.09 16.62
CA SER A 158 24.52 32.80 16.11
C SER A 158 23.67 32.17 17.21
N LYS A 159 22.48 32.74 17.44
CA LYS A 159 21.57 32.27 18.47
C LYS A 159 20.38 31.58 17.82
N ILE A 160 20.00 30.41 18.34
CA ILE A 160 18.83 29.72 17.81
C ILE A 160 17.56 30.53 18.06
N GLU A 161 17.55 31.32 19.14
CA GLU A 161 16.36 32.11 19.46
C GLU A 161 15.99 33.06 18.32
N ASP A 162 16.99 33.53 17.57
CA ASP A 162 16.70 34.46 16.47
C ASP A 162 15.83 33.80 15.42
N TYR A 163 16.12 32.54 15.08
CA TYR A 163 15.34 31.82 14.07
C TYR A 163 14.07 31.21 14.64
N PHE A 164 14.16 30.58 15.81
CA PHE A 164 13.01 29.96 16.46
C PHE A 164 12.68 30.74 17.73
N PRO A 165 11.56 31.51 17.77
CA PRO A 165 11.20 32.29 18.97
C PRO A 165 10.55 31.45 20.07
N GLU A 166 11.07 30.25 20.28
CA GLU A 166 10.63 29.39 21.38
C GLU A 166 11.78 28.79 22.17
N PHE A 167 13.01 28.84 21.67
CA PHE A 167 14.14 28.26 22.39
C PHE A 167 14.39 28.95 23.72
N ALA A 168 14.04 30.23 23.84
CA ALA A 168 14.25 30.94 25.09
C ALA A 168 13.42 30.30 26.21
N ARG A 169 12.16 29.99 25.93
CA ARG A 169 11.28 29.34 26.92
C ARG A 169 11.36 27.83 26.81
N TYR A 170 12.57 27.28 26.88
CA TYR A 170 12.81 25.85 26.78
C TYR A 170 13.87 25.44 27.80
N THR A 171 13.66 24.27 28.41
CA THR A 171 14.60 23.71 29.37
C THR A 171 14.88 22.26 29.02
N THR A 172 16.09 21.82 29.33
CA THR A 172 16.49 20.45 29.02
C THR A 172 15.69 19.48 29.88
N PRO A 173 14.99 18.50 29.29
CA PRO A 173 14.23 17.55 30.10
C PRO A 173 15.15 16.69 30.96
N GLU A 174 14.64 16.29 32.12
CA GLU A 174 15.40 15.44 33.03
C GLU A 174 15.60 14.04 32.50
N ASP A 175 14.89 13.65 31.43
CA ASP A 175 15.05 12.33 30.83
C ASP A 175 16.20 12.27 29.84
N ALA A 176 16.89 13.38 29.59
CA ALA A 176 18.01 13.39 28.66
C ALA A 176 19.15 12.54 29.18
N THR A 177 19.93 11.98 28.25
CA THR A 177 21.07 11.13 28.56
C THR A 177 22.28 11.66 27.81
N PRO A 178 22.84 12.79 28.25
CA PRO A 178 23.99 13.36 27.55
C PRO A 178 25.22 12.47 27.68
N GLU A 179 26.09 12.56 26.66
CA GLU A 179 27.33 11.81 26.67
C GLU A 179 28.26 12.34 27.76
N PRO A 180 29.26 11.56 28.18
CA PRO A 180 30.15 12.02 29.25
C PRO A 180 31.00 13.20 28.80
N GLY A 181 30.68 14.38 29.30
CA GLY A 181 31.40 15.59 28.93
C GLY A 181 30.67 16.39 27.88
N GLU A 182 29.94 17.42 28.29
CA GLU A 182 29.18 18.26 27.37
C GLU A 182 28.61 19.44 28.13
N ASP A 183 28.58 20.59 27.48
CA ASP A 183 28.01 21.78 28.10
C ASP A 183 26.49 21.72 28.07
N PRO A 184 25.82 22.34 29.04
CA PRO A 184 24.35 22.32 29.02
C PRO A 184 23.74 22.94 27.77
N ARG A 185 24.39 23.95 27.20
CA ARG A 185 23.82 24.62 26.03
C ARG A 185 23.74 23.69 24.84
N VAL A 186 24.79 22.90 24.59
CA VAL A 186 24.81 22.02 23.43
C VAL A 186 23.69 20.99 23.53
N THR A 187 23.57 20.33 24.69
CA THR A 187 22.53 19.33 24.87
C THR A 187 21.15 19.97 24.83
N ARG A 188 20.99 21.18 25.38
CA ARG A 188 19.70 21.85 25.34
C ARG A 188 19.29 22.13 23.90
N ALA A 189 20.21 22.62 23.07
CA ALA A 189 19.89 22.87 21.67
C ALA A 189 19.58 21.57 20.93
N LYS A 190 20.37 20.53 21.17
CA LYS A 190 20.13 19.26 20.50
C LYS A 190 18.75 18.71 20.85
N TYR A 191 18.39 18.77 22.12
CA TYR A 191 17.09 18.25 22.54
C TYR A 191 15.95 19.17 22.13
N PHE A 192 16.20 20.47 21.96
CA PHE A 192 15.18 21.33 21.38
C PHE A 192 14.90 20.95 19.93
N ILE A 193 15.95 20.69 19.15
CA ILE A 193 15.76 20.23 17.78
C ILE A 193 15.02 18.90 17.76
N ARG A 194 15.41 17.99 18.65
CA ARG A 194 14.72 16.70 18.73
C ARG A 194 13.26 16.87 19.12
N LYS A 195 12.98 17.81 20.03
CA LYS A 195 11.60 18.07 20.41
C LYS A 195 10.79 18.59 19.22
N GLU A 196 11.38 19.49 18.44
CA GLU A 196 10.68 19.97 17.25
C GLU A 196 10.37 18.82 16.30
N PHE A 197 11.38 17.99 16.01
CA PHE A 197 11.16 16.88 15.09
C PHE A 197 10.14 15.88 15.63
N VAL A 198 10.20 15.56 16.92
CA VAL A 198 9.27 14.60 17.50
C VAL A 198 7.86 15.16 17.54
N ASP A 199 7.71 16.45 17.82
CA ASP A 199 6.39 17.07 17.78
C ASP A 199 5.81 17.02 16.37
N ILE A 200 6.65 17.27 15.37
CA ILE A 200 6.21 17.14 13.99
C ILE A 200 5.77 15.70 13.72
N SER A 201 6.57 14.73 14.15
CA SER A 201 6.27 13.33 13.88
C SER A 201 4.97 12.88 14.55
N THR A 202 4.75 13.29 15.79
CA THR A 202 3.60 12.85 16.57
C THR A 202 2.34 13.66 16.29
N ALA A 203 2.44 14.74 15.52
CA ALA A 203 1.26 15.52 15.17
C ALA A 203 0.24 14.71 14.37
N SER A 204 0.70 13.68 13.66
CA SER A 204 -0.20 12.82 12.89
C SER A 204 0.46 11.46 12.74
N GLY A 205 -0.37 10.46 12.40
CA GLY A 205 0.07 9.09 12.21
C GLY A 205 -0.68 8.08 13.07
N ASP A 206 -1.13 8.50 14.25
CA ASP A 206 -1.89 7.64 15.17
C ASP A 206 -1.07 6.43 15.60
N GLY A 207 0.25 6.55 15.60
CA GLY A 207 1.13 5.48 16.02
C GLY A 207 1.36 4.40 14.99
N ARG A 208 0.82 4.54 13.78
CA ARG A 208 1.02 3.53 12.75
C ARG A 208 2.49 3.40 12.38
N HIS A 209 3.19 4.52 12.27
CA HIS A 209 4.62 4.54 11.98
C HIS A 209 5.32 5.44 12.99
N ILE A 210 6.57 5.10 13.28
CA ILE A 210 7.32 5.71 14.37
C ILE A 210 8.57 6.39 13.80
N CYS A 211 9.02 7.44 14.48
CA CYS A 211 10.24 8.15 14.11
C CYS A 211 11.34 7.81 15.10
N TYR A 212 12.53 7.47 14.58
CA TYR A 212 13.64 7.06 15.41
C TYR A 212 14.77 8.08 15.34
N PRO A 213 14.70 9.16 16.13
CA PRO A 213 15.77 10.17 16.09
C PRO A 213 17.09 9.62 16.61
N HIS A 214 18.19 10.11 16.04
CA HIS A 214 19.53 9.72 16.46
C HIS A 214 20.49 10.86 16.17
N PHE A 215 21.65 10.81 16.82
CA PHE A 215 22.69 11.82 16.65
C PHE A 215 23.84 11.23 15.84
N THR A 216 24.25 11.94 14.81
CA THR A 216 25.36 11.52 13.96
C THR A 216 26.37 12.65 13.87
N CYS A 217 27.65 12.33 14.09
CA CYS A 217 28.72 13.30 14.13
C CYS A 217 29.52 13.35 12.82
N ALA A 218 29.02 12.68 11.77
CA ALA A 218 29.65 12.57 10.46
C ALA A 218 30.88 11.69 10.47
N VAL A 219 31.27 11.14 11.62
CA VAL A 219 32.41 10.23 11.72
C VAL A 219 32.08 8.97 12.50
N ASP A 220 30.88 8.88 13.09
CA ASP A 220 30.51 7.71 13.87
C ASP A 220 30.37 6.48 12.97
N THR A 221 30.86 5.35 13.46
CA THR A 221 30.73 4.07 12.78
C THR A 221 29.56 3.25 13.28
N GLU A 222 28.74 3.80 14.17
CA GLU A 222 27.61 3.10 14.76
C GLU A 222 26.31 3.35 14.02
N ASN A 223 26.35 4.08 12.91
CA ASN A 223 25.11 4.36 12.16
C ASN A 223 24.48 3.07 11.64
N ALA A 224 25.32 2.14 11.15
CA ALA A 224 24.78 0.88 10.66
C ALA A 224 24.11 0.09 11.78
N ARG A 225 24.71 0.08 12.96
CA ARG A 225 24.11 -0.64 14.09
C ARG A 225 22.76 -0.02 14.47
N ARG A 226 22.69 1.31 14.50
CA ARG A 226 21.43 1.97 14.83
C ARG A 226 20.37 1.69 13.79
N ILE A 227 20.75 1.70 12.50
CA ILE A 227 19.79 1.36 11.45
C ILE A 227 19.30 -0.08 11.62
N PHE A 228 20.22 -0.99 11.95
CA PHE A 228 19.85 -2.37 12.17
C PHE A 228 18.85 -2.51 13.31
N ASN A 229 19.11 -1.83 14.43
CA ASN A 229 18.18 -1.88 15.56
C ASN A 229 16.83 -1.28 15.21
N ASP A 230 16.83 -0.14 14.51
CA ASP A 230 15.56 0.49 14.13
C ASP A 230 14.77 -0.41 13.19
N CYS A 231 15.45 -1.07 12.24
CA CYS A 231 14.77 -1.99 11.34
C CYS A 231 14.21 -3.19 12.11
N LYS A 232 14.97 -3.71 13.08
CA LYS A 232 14.45 -4.79 13.90
C LYS A 232 13.18 -4.36 14.63
N ASP A 233 13.19 -3.17 15.22
CA ASP A 233 12.01 -2.69 15.93
C ASP A 233 10.83 -2.50 14.98
N ILE A 234 11.09 -1.96 13.79
CA ILE A 234 10.01 -1.74 12.82
C ILE A 234 9.41 -3.07 12.38
N ILE A 235 10.27 -4.06 12.13
CA ILE A 235 9.78 -5.38 11.73
C ILE A 235 8.99 -6.01 12.86
N LEU A 236 9.44 -5.82 14.10
CA LEU A 236 8.70 -6.34 15.25
C LEU A 236 7.31 -5.72 15.31
N GLN A 237 7.22 -4.40 15.15
CA GLN A 237 5.91 -3.75 15.17
C GLN A 237 5.04 -4.23 14.03
N MET A 238 5.62 -4.40 12.84
CA MET A 238 4.84 -4.88 11.69
C MET A 238 4.31 -6.29 11.94
N ASN A 239 5.14 -7.17 12.50
CA ASN A 239 4.68 -8.53 12.80
C ASN A 239 3.61 -8.52 13.87
N LEU A 240 3.76 -7.67 14.89
CA LEU A 240 2.72 -7.54 15.91
C LEU A 240 1.40 -7.10 15.29
N ARG A 241 1.46 -6.14 14.37
CA ARG A 241 0.25 -5.71 13.68
C ARG A 241 -0.36 -6.84 12.86
N GLU A 242 0.49 -7.61 12.16
CA GLU A 242 -0.01 -8.70 11.33
C GLU A 242 -0.69 -9.76 12.18
N TYR A 243 -0.11 -10.11 13.32
CA TYR A 243 -0.66 -11.12 14.21
C TYR A 243 -1.72 -10.58 15.15
N ASN A 244 -2.12 -9.31 14.99
CA ASN A 244 -3.14 -8.68 15.82
C ASN A 244 -2.75 -8.63 17.28
N LEU A 245 -1.45 -8.57 17.56
CA LEU A 245 -0.96 -8.51 18.93
C LEU A 245 -0.89 -7.09 19.47
N VAL A 246 -0.79 -6.08 18.60
CA VAL A 246 -0.72 -4.69 19.02
C VAL A 246 -1.91 -3.92 18.46
N LEU B 11 10.33 42.54 -21.41
CA LEU B 11 10.21 41.57 -20.28
C LEU B 11 8.76 41.40 -19.83
N ASP B 12 7.97 42.47 -20.00
CA ASP B 12 6.57 42.45 -19.60
C ASP B 12 5.60 42.55 -20.78
N GLN B 13 6.02 43.09 -21.91
CA GLN B 13 5.14 43.17 -23.08
C GLN B 13 4.75 41.79 -23.57
N LEU B 14 5.71 40.85 -23.58
CA LEU B 14 5.40 39.50 -24.03
C LEU B 14 4.39 38.83 -23.11
N ARG B 15 4.43 39.11 -21.80
CA ARG B 15 3.44 38.55 -20.89
C ARG B 15 2.04 39.04 -21.24
N GLN B 16 1.90 40.34 -21.52
CA GLN B 16 0.60 40.87 -21.91
C GLN B 16 0.14 40.28 -23.24
N GLU B 17 1.08 40.09 -24.18
CA GLU B 17 0.72 39.48 -25.45
C GLU B 17 0.22 38.05 -25.25
N ALA B 18 0.90 37.29 -24.39
CA ALA B 18 0.47 35.93 -24.12
C ALA B 18 -0.89 35.90 -23.46
N GLU B 19 -1.14 36.81 -22.52
CA GLU B 19 -2.45 36.89 -21.88
C GLU B 19 -3.53 37.23 -22.90
N GLN B 20 -3.24 38.17 -23.81
CA GLN B 20 -4.21 38.51 -24.85
C GLN B 20 -4.48 37.33 -25.77
N LEU B 21 -3.44 36.59 -26.13
CA LEU B 21 -3.63 35.40 -26.97
C LEU B 21 -4.48 34.36 -26.26
N LYS B 22 -4.22 34.14 -24.97
CA LYS B 22 -5.02 33.18 -24.21
C LYS B 22 -6.49 33.62 -24.14
N ASN B 23 -6.72 34.92 -23.93
CA ASN B 23 -8.08 35.43 -23.90
C ASN B 23 -8.76 35.25 -25.25
N GLN B 24 -8.03 35.49 -26.34
CA GLN B 24 -8.59 35.29 -27.68
C GLN B 24 -8.94 33.83 -27.91
N ILE B 25 -8.07 32.91 -27.47
CA ILE B 25 -8.35 31.48 -27.61
C ILE B 25 -9.59 31.11 -26.82
N ARG B 26 -9.71 31.62 -25.60
CA ARG B 26 -10.90 31.33 -24.78
C ARG B 26 -12.16 31.87 -25.45
N ASP B 27 -12.09 33.09 -26.00
CA ASP B 27 -13.25 33.66 -26.69
C ASP B 27 -13.63 32.83 -27.90
N ALA B 28 -12.64 32.38 -28.67
CA ALA B 28 -12.93 31.53 -29.82
C ALA B 28 -13.58 30.22 -29.39
N ARG B 29 -13.07 29.62 -28.31
CA ARG B 29 -13.64 28.38 -27.82
C ARG B 29 -15.08 28.55 -27.37
N LYS B 30 -15.36 29.64 -26.64
CA LYS B 30 -16.72 29.84 -26.13
C LYS B 30 -17.68 30.27 -27.24
N ALA B 31 -17.19 30.93 -28.29
CA ALA B 31 -18.07 31.34 -29.37
C ALA B 31 -18.67 30.16 -30.10
N CYS B 32 -17.89 29.08 -30.27
CA CYS B 32 -18.34 27.88 -30.98
C CYS B 32 -18.82 26.80 -30.02
N ALA B 33 -19.50 27.20 -28.94
CA ALA B 33 -20.00 26.27 -27.93
C ALA B 33 -21.52 26.37 -27.82
N ASP B 34 -22.20 26.39 -28.96
CA ASP B 34 -23.65 26.62 -28.94
C ASP B 34 -24.38 25.55 -28.14
N ALA B 35 -24.00 24.29 -28.31
CA ALA B 35 -24.66 23.18 -27.65
C ALA B 35 -23.66 22.38 -26.84
N THR B 36 -24.16 21.76 -25.77
CA THR B 36 -23.36 20.93 -24.88
C THR B 36 -23.61 19.45 -25.19
N LEU B 37 -22.57 18.64 -24.97
CA LEU B 37 -22.69 17.22 -25.25
C LEU B 37 -23.79 16.57 -24.42
N SER B 38 -23.87 16.93 -23.14
CA SER B 38 -24.89 16.34 -22.26
C SER B 38 -26.29 16.68 -22.76
N GLN B 39 -26.52 17.92 -23.17
CA GLN B 39 -27.83 18.31 -23.66
C GLN B 39 -28.19 17.53 -24.93
N ILE B 40 -27.24 17.39 -25.84
CA ILE B 40 -27.51 16.65 -27.08
C ILE B 40 -27.80 15.19 -26.77
N THR B 41 -27.04 14.58 -25.86
CA THR B 41 -27.21 13.19 -25.50
C THR B 41 -28.32 12.97 -24.49
N ASN B 42 -29.15 13.98 -24.25
CA ASN B 42 -30.22 13.84 -23.26
C ASN B 42 -31.23 12.77 -23.70
N ASN B 43 -31.58 12.73 -24.97
CA ASN B 43 -32.57 11.79 -25.47
C ASN B 43 -32.01 10.39 -25.68
N ILE B 44 -30.68 10.22 -25.64
CA ILE B 44 -30.09 8.90 -25.80
C ILE B 44 -30.43 8.04 -24.60
N ASP B 45 -30.88 6.82 -24.86
CA ASP B 45 -31.27 5.93 -23.78
C ASP B 45 -30.05 5.54 -22.95
N PRO B 46 -30.19 5.38 -21.64
CA PRO B 46 -29.03 4.99 -20.82
C PRO B 46 -28.57 3.59 -21.12
N VAL B 47 -27.28 3.35 -20.91
CA VAL B 47 -26.71 2.02 -21.14
C VAL B 47 -27.28 1.02 -20.16
N GLY B 48 -27.53 1.45 -18.92
CA GLY B 48 -28.06 0.58 -17.89
C GLY B 48 -27.06 0.33 -16.78
N ARG B 49 -26.98 -0.91 -16.31
CA ARG B 49 -26.05 -1.31 -15.25
C ARG B 49 -25.21 -2.46 -15.78
N ILE B 50 -23.98 -2.15 -16.22
CA ILE B 50 -23.09 -3.16 -16.75
C ILE B 50 -22.45 -3.92 -15.59
N GLN B 51 -22.56 -5.25 -15.63
CA GLN B 51 -21.99 -6.12 -14.61
C GLN B 51 -20.85 -6.92 -15.21
N MET B 52 -19.69 -6.88 -14.57
CA MET B 52 -18.51 -7.60 -15.01
C MET B 52 -18.00 -8.48 -13.88
N ARG B 53 -17.57 -9.69 -14.22
CA ARG B 53 -17.07 -10.66 -13.26
C ARG B 53 -15.61 -10.94 -13.53
N THR B 54 -14.88 -11.27 -12.48
CA THR B 54 -13.44 -11.58 -12.58
C THR B 54 -13.29 -12.93 -13.26
N ARG B 55 -13.09 -12.91 -14.58
CA ARG B 55 -12.98 -14.16 -15.32
C ARG B 55 -11.65 -14.86 -15.02
N ARG B 56 -10.56 -14.10 -14.97
CA ARG B 56 -9.24 -14.65 -14.72
C ARG B 56 -8.54 -13.82 -13.65
N THR B 57 -7.80 -14.49 -12.77
CA THR B 57 -6.96 -13.85 -11.76
C THR B 57 -5.53 -14.30 -11.98
N LEU B 58 -4.63 -13.33 -12.16
CA LEU B 58 -3.22 -13.61 -12.42
C LEU B 58 -2.43 -13.37 -11.15
N ARG B 59 -1.65 -14.37 -10.75
CA ARG B 59 -0.86 -14.31 -9.52
C ARG B 59 0.58 -14.71 -9.82
N GLY B 60 1.50 -14.19 -9.02
CA GLY B 60 2.90 -14.50 -9.18
C GLY B 60 3.83 -13.32 -8.92
N HIS B 61 3.33 -12.11 -9.11
CA HIS B 61 4.13 -10.92 -8.84
C HIS B 61 4.36 -10.78 -7.34
N LEU B 62 5.60 -10.44 -6.98
CA LEU B 62 5.97 -10.31 -5.57
C LEU B 62 5.85 -8.89 -5.05
N ALA B 63 5.46 -7.93 -5.89
CA ALA B 63 5.37 -6.53 -5.50
C ALA B 63 4.19 -5.89 -6.21
N LYS B 64 3.96 -4.62 -5.87
CA LYS B 64 2.84 -3.89 -6.45
C LYS B 64 3.01 -3.74 -7.95
N ILE B 65 1.88 -3.77 -8.66
CA ILE B 65 1.86 -3.62 -10.11
C ILE B 65 1.75 -2.14 -10.45
N TYR B 66 2.52 -1.69 -11.43
CA TYR B 66 2.50 -0.30 -11.86
C TYR B 66 1.91 -0.08 -13.25
N ALA B 67 2.13 -1.02 -14.18
CA ALA B 67 1.63 -0.84 -15.54
C ALA B 67 1.41 -2.20 -16.19
N MET B 68 0.55 -2.20 -17.21
CA MET B 68 0.31 -3.38 -18.03
C MET B 68 -0.17 -2.91 -19.39
N HIS B 69 -0.03 -3.79 -20.39
CA HIS B 69 -0.46 -3.47 -21.74
C HIS B 69 -0.84 -4.74 -22.47
N TRP B 70 -1.99 -4.72 -23.13
CA TRP B 70 -2.44 -5.85 -23.92
C TRP B 70 -1.69 -5.93 -25.24
N GLY B 71 -1.56 -7.14 -25.76
CA GLY B 71 -1.02 -7.33 -27.09
C GLY B 71 -2.08 -7.14 -28.16
N THR B 72 -1.62 -7.04 -29.41
CA THR B 72 -2.54 -6.87 -30.52
C THR B 72 -3.42 -8.10 -30.75
N ASP B 73 -3.00 -9.26 -30.26
CA ASP B 73 -3.78 -10.48 -30.41
C ASP B 73 -4.88 -10.61 -29.35
N SER B 74 -4.93 -9.70 -28.39
CA SER B 74 -5.95 -9.71 -27.33
C SER B 74 -5.87 -10.97 -26.47
N ARG B 75 -4.73 -11.64 -26.46
CA ARG B 75 -4.52 -12.83 -25.65
C ARG B 75 -3.32 -12.71 -24.72
N LEU B 76 -2.23 -12.14 -25.18
CA LEU B 76 -1.02 -11.98 -24.38
C LEU B 76 -0.91 -10.55 -23.86
N LEU B 77 -0.62 -10.42 -22.57
CA LEU B 77 -0.44 -9.12 -21.94
C LEU B 77 0.83 -9.14 -21.11
N VAL B 78 1.48 -7.99 -21.04
CA VAL B 78 2.72 -7.81 -20.28
C VAL B 78 2.43 -6.94 -19.07
N SER B 79 2.96 -7.34 -17.91
CA SER B 79 2.77 -6.63 -16.66
C SER B 79 4.13 -6.26 -16.08
N ALA B 80 4.18 -5.11 -15.41
CA ALA B 80 5.39 -4.63 -14.77
C ALA B 80 5.15 -4.48 -13.28
N SER B 81 6.08 -4.99 -12.48
CA SER B 81 5.99 -4.92 -11.03
C SER B 81 7.29 -4.37 -10.47
N GLN B 82 7.19 -3.76 -9.29
CA GLN B 82 8.34 -3.15 -8.63
C GLN B 82 9.29 -4.18 -8.04
N ASP B 83 9.07 -5.48 -8.25
CA ASP B 83 9.99 -6.51 -7.80
C ASP B 83 11.03 -6.88 -8.84
N GLY B 84 11.04 -6.22 -9.99
CA GLY B 84 12.06 -6.43 -10.99
C GLY B 84 11.77 -7.52 -12.00
N LYS B 85 10.54 -8.03 -12.06
CA LYS B 85 10.16 -9.07 -13.00
C LYS B 85 9.12 -8.53 -13.97
N LEU B 86 9.36 -8.73 -15.26
CA LEU B 86 8.42 -8.38 -16.32
C LEU B 86 7.83 -9.68 -16.85
N ILE B 87 6.54 -9.90 -16.57
CA ILE B 87 5.87 -11.17 -16.85
C ILE B 87 4.91 -10.98 -18.01
N ILE B 88 5.00 -11.87 -19.00
CA ILE B 88 4.04 -11.93 -20.10
C ILE B 88 3.07 -13.06 -19.80
N TRP B 89 1.78 -12.72 -19.75
CA TRP B 89 0.75 -13.66 -19.32
C TRP B 89 -0.03 -14.19 -20.52
N ASP B 90 -0.59 -15.38 -20.36
CA ASP B 90 -1.54 -15.96 -21.30
C ASP B 90 -2.91 -15.89 -20.63
N SER B 91 -3.70 -14.88 -21.00
CA SER B 91 -4.94 -14.61 -20.31
C SER B 91 -5.92 -15.77 -20.44
N TYR B 92 -6.00 -16.39 -21.62
CA TYR B 92 -6.98 -17.45 -21.83
C TYR B 92 -6.72 -18.64 -20.90
N THR B 93 -5.45 -19.05 -20.76
CA THR B 93 -5.10 -20.23 -19.97
C THR B 93 -4.45 -19.86 -18.64
N THR B 94 -4.25 -18.59 -18.34
CA THR B 94 -3.62 -18.16 -17.09
C THR B 94 -2.24 -18.80 -16.95
N ASN B 95 -1.41 -18.61 -17.97
CA ASN B 95 -0.05 -19.14 -18.00
C ASN B 95 0.95 -18.02 -18.24
N LYS B 96 2.14 -18.19 -17.69
CA LYS B 96 3.22 -17.20 -17.81
C LYS B 96 4.11 -17.62 -18.97
N VAL B 97 4.05 -16.87 -20.07
CA VAL B 97 4.87 -17.20 -21.23
C VAL B 97 6.34 -16.90 -20.96
N HIS B 98 6.62 -15.75 -20.37
CA HIS B 98 7.99 -15.34 -20.10
C HIS B 98 8.07 -14.64 -18.74
N ALA B 99 9.27 -14.66 -18.17
CA ALA B 99 9.57 -13.94 -16.93
C ALA B 99 10.91 -13.25 -17.12
N ILE B 100 10.89 -11.96 -17.42
CA ILE B 100 12.09 -11.20 -17.80
C ILE B 100 12.64 -10.52 -16.57
N PRO B 101 13.88 -10.81 -16.16
CA PRO B 101 14.49 -10.07 -15.04
C PRO B 101 14.89 -8.67 -15.48
N LEU B 102 14.66 -7.69 -14.60
CA LEU B 102 14.99 -6.30 -14.89
C LEU B 102 16.16 -5.86 -14.02
N ARG B 103 17.08 -5.10 -14.63
CA ARG B 103 18.23 -4.59 -13.88
C ARG B 103 17.79 -3.63 -12.79
N SER B 104 16.79 -2.79 -13.06
CA SER B 104 16.24 -1.86 -12.09
C SER B 104 14.87 -2.36 -11.66
N SER B 105 14.65 -2.43 -10.34
CA SER B 105 13.39 -2.94 -9.82
C SER B 105 12.34 -1.85 -9.69
N TRP B 106 12.66 -0.61 -10.07
CA TRP B 106 11.73 0.51 -9.94
C TRP B 106 10.99 0.81 -11.23
N VAL B 107 10.74 -0.23 -12.03
CA VAL B 107 10.00 -0.05 -13.27
C VAL B 107 8.60 0.46 -12.95
N MET B 108 8.12 1.42 -13.76
CA MET B 108 6.79 1.98 -13.58
C MET B 108 5.97 2.03 -14.85
N THR B 109 6.48 1.53 -15.97
CA THR B 109 5.73 1.46 -17.22
C THR B 109 6.20 0.28 -18.04
N CYS B 110 5.32 -0.19 -18.93
CA CYS B 110 5.65 -1.27 -19.85
C CYS B 110 4.79 -1.12 -21.09
N ALA B 111 5.28 -1.70 -22.19
CA ALA B 111 4.56 -1.65 -23.46
C ALA B 111 4.79 -2.93 -24.23
N TYR B 112 3.81 -3.29 -25.05
CA TYR B 112 3.88 -4.48 -25.90
C TYR B 112 3.87 -4.03 -27.35
N ALA B 113 4.87 -4.47 -28.12
CA ALA B 113 4.97 -4.04 -29.50
C ALA B 113 3.76 -4.52 -30.29
N PRO B 114 3.31 -3.74 -31.27
CA PRO B 114 2.12 -4.16 -32.04
C PRO B 114 2.32 -5.49 -32.74
N SER B 115 3.53 -5.78 -33.21
CA SER B 115 3.82 -7.07 -33.83
C SER B 115 4.05 -8.18 -32.81
N GLY B 116 4.21 -7.84 -31.53
CA GLY B 116 4.45 -8.82 -30.50
C GLY B 116 5.87 -9.32 -30.41
N ASN B 117 6.79 -8.74 -31.19
CA ASN B 117 8.18 -9.22 -31.18
C ASN B 117 9.00 -8.60 -30.06
N TYR B 118 8.61 -7.44 -29.55
CA TYR B 118 9.40 -6.71 -28.57
C TYR B 118 8.52 -6.21 -27.44
N VAL B 119 9.15 -6.01 -26.28
CA VAL B 119 8.51 -5.44 -25.11
C VAL B 119 9.45 -4.39 -24.53
N ALA B 120 8.87 -3.26 -24.11
CA ALA B 120 9.63 -2.16 -23.54
C ALA B 120 9.12 -1.85 -22.14
N CYS B 121 10.02 -1.37 -21.29
CA CYS B 121 9.69 -0.99 -19.93
C CYS B 121 10.78 -0.09 -19.39
N GLY B 122 10.50 0.57 -18.27
CA GLY B 122 11.47 1.44 -17.64
C GLY B 122 10.85 2.11 -16.43
N GLY B 123 11.63 3.01 -15.83
CA GLY B 123 11.21 3.66 -14.60
C GLY B 123 12.20 4.69 -14.09
N LEU B 124 12.47 4.64 -12.78
CA LEU B 124 13.36 5.61 -12.16
C LEU B 124 14.77 5.55 -12.72
N ASP B 125 15.15 4.48 -13.41
CA ASP B 125 16.46 4.39 -14.04
C ASP B 125 16.62 5.38 -15.19
N ASN B 126 15.53 6.01 -15.64
CA ASN B 126 15.55 6.98 -16.74
C ASN B 126 15.96 6.34 -18.06
N ILE B 127 15.75 5.03 -18.20
CA ILE B 127 16.12 4.29 -19.40
C ILE B 127 14.94 3.42 -19.82
N CYS B 128 14.64 3.43 -21.12
CA CYS B 128 13.61 2.58 -21.69
C CYS B 128 14.30 1.39 -22.35
N SER B 129 14.16 0.21 -21.74
CA SER B 129 14.81 -1.00 -22.20
C SER B 129 13.86 -1.81 -23.07
N ILE B 130 14.33 -2.19 -24.25
CA ILE B 130 13.55 -2.98 -25.20
C ILE B 130 14.06 -4.41 -25.14
N TYR B 131 13.14 -5.35 -24.94
CA TYR B 131 13.46 -6.77 -24.85
C TYR B 131 12.95 -7.50 -26.08
N ASN B 132 13.78 -8.38 -26.64
CA ASN B 132 13.40 -9.17 -27.80
C ASN B 132 12.80 -10.49 -27.33
N LEU B 133 11.59 -10.79 -27.77
CA LEU B 133 10.88 -11.99 -27.37
C LEU B 133 11.02 -13.13 -28.36
N LYS B 134 11.78 -12.95 -29.44
CA LYS B 134 11.93 -13.95 -30.48
C LYS B 134 13.40 -14.14 -30.85
N THR B 135 14.26 -14.28 -29.84
CA THR B 135 15.67 -14.51 -30.10
C THR B 135 15.87 -15.85 -30.80
N ARG B 136 17.08 -16.05 -31.33
CA ARG B 136 17.39 -17.28 -32.05
C ARG B 136 17.46 -18.48 -31.11
N GLU B 137 18.36 -18.42 -30.13
CA GLU B 137 18.50 -19.55 -29.21
C GLU B 137 17.28 -19.71 -28.31
N GLY B 138 16.45 -18.67 -28.20
CA GLY B 138 15.15 -18.81 -27.57
C GLY B 138 14.92 -17.97 -26.33
N ASN B 139 15.99 -17.52 -25.68
CA ASN B 139 15.85 -16.78 -24.44
C ASN B 139 15.60 -15.30 -24.73
N VAL B 140 14.75 -14.70 -23.89
CA VAL B 140 14.47 -13.28 -24.01
C VAL B 140 15.73 -12.50 -23.65
N ARG B 141 16.08 -11.54 -24.51
CA ARG B 141 17.32 -10.79 -24.35
C ARG B 141 17.07 -9.33 -24.73
N VAL B 142 17.90 -8.44 -24.17
CA VAL B 142 17.75 -7.02 -24.44
C VAL B 142 18.27 -6.71 -25.83
N SER B 143 17.42 -6.09 -26.65
CA SER B 143 17.86 -5.64 -27.97
C SER B 143 18.63 -4.32 -27.86
N ARG B 144 18.03 -3.32 -27.23
CA ARG B 144 18.69 -2.05 -26.99
C ARG B 144 17.97 -1.33 -25.86
N GLU B 145 18.75 -0.57 -25.09
CA GLU B 145 18.21 0.25 -24.01
C GLU B 145 18.41 1.71 -24.37
N LEU B 146 17.34 2.50 -24.26
CA LEU B 146 17.32 3.88 -24.73
C LEU B 146 17.61 4.80 -23.55
N ALA B 147 18.67 5.60 -23.67
CA ALA B 147 19.09 6.54 -22.64
C ALA B 147 19.15 7.94 -23.21
N GLY B 148 18.98 8.93 -22.34
CA GLY B 148 18.99 10.32 -22.77
C GLY B 148 18.02 11.18 -21.98
N HIS B 149 17.02 10.54 -21.37
CA HIS B 149 16.09 11.28 -20.50
C HIS B 149 16.75 11.59 -19.17
N THR B 150 16.43 12.78 -18.65
CA THR B 150 16.95 13.23 -17.35
C THR B 150 15.91 13.09 -16.25
N GLY B 151 14.95 12.20 -16.44
CA GLY B 151 13.92 11.97 -15.45
C GLY B 151 13.38 10.55 -15.56
N TYR B 152 12.62 10.17 -14.54
CA TYR B 152 12.06 8.83 -14.51
C TYR B 152 11.14 8.59 -15.70
N LEU B 153 11.20 7.40 -16.26
CA LEU B 153 10.33 7.04 -17.38
C LEU B 153 8.91 6.83 -16.87
N SER B 154 7.95 7.57 -17.43
CA SER B 154 6.57 7.50 -16.98
C SER B 154 5.71 6.61 -17.86
N CYS B 155 5.86 6.68 -19.18
CA CYS B 155 5.08 5.85 -20.08
C CYS B 155 5.78 5.78 -21.43
N CYS B 156 5.49 4.72 -22.17
CA CYS B 156 6.06 4.53 -23.50
C CYS B 156 5.11 3.68 -24.32
N ARG B 157 5.13 3.91 -25.63
CA ARG B 157 4.27 3.17 -26.55
C ARG B 157 4.98 2.99 -27.89
N PHE B 158 4.93 1.77 -28.42
CA PHE B 158 5.56 1.49 -29.70
C PHE B 158 4.74 2.07 -30.85
N LEU B 159 5.45 2.66 -31.82
CA LEU B 159 4.83 2.97 -33.10
C LEU B 159 4.96 1.78 -34.05
N ASP B 160 6.12 1.14 -34.05
CA ASP B 160 6.37 -0.06 -34.82
C ASP B 160 7.54 -0.80 -34.18
N ASP B 161 8.10 -1.78 -34.89
CA ASP B 161 9.24 -2.52 -34.36
C ASP B 161 10.50 -1.68 -34.22
N ASN B 162 10.54 -0.48 -34.81
CA ASN B 162 11.73 0.36 -34.77
C ASN B 162 11.53 1.70 -34.09
N GLN B 163 10.30 2.22 -34.00
CA GLN B 163 10.03 3.53 -33.41
C GLN B 163 9.16 3.35 -32.18
N ILE B 164 9.56 4.00 -31.09
CA ILE B 164 8.81 3.98 -29.83
C ILE B 164 8.77 5.41 -29.30
N VAL B 165 7.58 5.86 -28.90
CA VAL B 165 7.40 7.18 -28.31
C VAL B 165 7.56 7.05 -26.81
N THR B 166 8.19 8.04 -26.19
CA THR B 166 8.59 7.98 -24.79
C THR B 166 8.20 9.25 -24.08
N SER B 167 7.72 9.11 -22.83
CA SER B 167 7.43 10.24 -21.97
C SER B 167 8.13 10.02 -20.63
N SER B 168 8.73 11.09 -20.11
CA SER B 168 9.55 10.98 -18.92
C SER B 168 9.21 12.12 -17.96
N GLY B 169 9.61 11.95 -16.70
CA GLY B 169 9.35 12.97 -15.70
C GLY B 169 10.15 14.24 -15.90
N ASP B 170 11.08 14.24 -16.85
CA ASP B 170 11.90 15.41 -17.15
C ASP B 170 11.15 16.47 -17.97
N THR B 171 9.82 16.41 -18.05
CA THR B 171 8.95 17.37 -18.72
C THR B 171 8.94 17.19 -20.24
N THR B 172 9.71 16.25 -20.79
CA THR B 172 9.84 16.12 -22.24
C THR B 172 9.45 14.72 -22.70
N CYS B 173 8.85 14.66 -23.87
CA CYS B 173 8.59 13.42 -24.58
C CYS B 173 9.50 13.33 -25.79
N ALA B 174 9.87 12.11 -26.16
CA ALA B 174 10.84 11.91 -27.22
C ALA B 174 10.39 10.76 -28.11
N LEU B 175 10.82 10.83 -29.38
CA LEU B 175 10.64 9.74 -30.34
C LEU B 175 12.00 9.11 -30.58
N TRP B 176 12.06 7.79 -30.47
CA TRP B 176 13.32 7.06 -30.51
C TRP B 176 13.37 6.14 -31.72
N ASP B 177 14.58 5.94 -32.23
CA ASP B 177 14.87 4.97 -33.28
C ASP B 177 15.58 3.80 -32.62
N ILE B 178 14.90 2.65 -32.55
CA ILE B 178 15.45 1.51 -31.82
C ILE B 178 16.72 1.00 -32.48
N GLU B 179 16.79 1.04 -33.82
CA GLU B 179 17.99 0.58 -34.51
C GLU B 179 19.17 1.52 -34.31
N THR B 180 18.93 2.76 -33.90
CA THR B 180 19.97 3.75 -33.69
C THR B 180 20.17 4.10 -32.22
N GLY B 181 19.08 4.31 -31.48
CA GLY B 181 19.15 4.64 -30.08
C GLY B 181 19.21 6.11 -29.75
N GLN B 182 18.90 6.99 -30.70
CA GLN B 182 18.92 8.43 -30.49
C GLN B 182 17.54 9.02 -30.64
N GLN B 183 17.28 10.10 -29.92
CA GLN B 183 15.99 10.78 -29.98
C GLN B 183 15.81 11.43 -31.34
N THR B 184 14.97 10.84 -32.19
CA THR B 184 14.70 11.44 -33.49
C THR B 184 14.00 12.78 -33.33
N THR B 185 13.04 12.89 -32.42
CA THR B 185 12.34 14.12 -32.15
C THR B 185 12.11 14.25 -30.65
N THR B 186 12.25 15.47 -30.15
CA THR B 186 12.06 15.78 -28.73
C THR B 186 10.94 16.80 -28.59
N PHE B 187 10.02 16.53 -27.67
CA PHE B 187 8.88 17.40 -27.38
C PHE B 187 9.13 18.08 -26.04
N THR B 188 9.13 19.41 -26.04
CA THR B 188 9.45 20.17 -24.83
C THR B 188 8.43 21.28 -24.59
N GLY B 189 7.15 20.97 -24.73
CA GLY B 189 6.12 21.96 -24.54
C GLY B 189 5.45 21.91 -23.18
N HIS B 190 5.62 20.79 -22.47
CA HIS B 190 5.01 20.64 -21.15
C HIS B 190 5.75 21.49 -20.12
N THR B 191 5.09 21.68 -18.98
CA THR B 191 5.64 22.48 -17.89
C THR B 191 6.32 21.62 -16.82
N GLY B 192 5.92 20.35 -16.68
CA GLY B 192 6.55 19.48 -15.72
C GLY B 192 5.91 18.11 -15.57
N ASP B 193 6.74 17.07 -15.50
CA ASP B 193 6.29 15.73 -15.15
C ASP B 193 5.18 15.23 -16.05
N VAL B 194 5.45 15.06 -17.34
CA VAL B 194 4.52 14.39 -18.24
C VAL B 194 4.41 12.93 -17.80
N MET B 195 3.19 12.49 -17.51
CA MET B 195 2.98 11.20 -16.87
C MET B 195 2.53 10.11 -17.82
N SER B 196 1.66 10.42 -18.79
CA SER B 196 1.11 9.41 -19.67
C SER B 196 0.91 9.99 -21.06
N LEU B 197 0.91 9.10 -22.05
CA LEU B 197 0.65 9.48 -23.43
C LEU B 197 -0.15 8.38 -24.10
N SER B 198 -0.89 8.75 -25.14
CA SER B 198 -1.73 7.82 -25.88
C SER B 198 -1.54 8.04 -27.38
N LEU B 199 -1.27 6.95 -28.09
CA LEU B 199 -1.11 7.02 -29.54
C LEU B 199 -2.48 6.98 -30.22
N ALA B 200 -2.66 7.86 -31.20
CA ALA B 200 -3.90 7.88 -31.96
C ALA B 200 -3.99 6.63 -32.84
N PRO B 201 -5.21 6.21 -33.20
CA PRO B 201 -5.33 5.03 -34.07
C PRO B 201 -4.56 5.15 -35.37
N ASP B 202 -4.50 6.35 -35.95
CA ASP B 202 -3.76 6.57 -37.18
C ASP B 202 -2.25 6.60 -36.96
N THR B 203 -1.80 6.71 -35.71
CA THR B 203 -0.38 6.71 -35.34
C THR B 203 0.33 8.00 -35.75
N ARG B 204 -0.36 8.92 -36.42
CA ARG B 204 0.25 10.18 -36.84
C ARG B 204 0.24 11.25 -35.76
N LEU B 205 -0.51 11.04 -34.67
CA LEU B 205 -0.60 12.00 -33.59
C LEU B 205 -0.67 11.26 -32.26
N PHE B 206 -0.25 11.95 -31.20
CA PHE B 206 -0.39 11.41 -29.86
C PHE B 206 -0.57 12.57 -28.89
N VAL B 207 -1.24 12.30 -27.77
CA VAL B 207 -1.54 13.30 -26.76
C VAL B 207 -1.05 12.79 -25.42
N SER B 208 -0.45 13.69 -24.63
CA SER B 208 0.13 13.35 -23.34
C SER B 208 -0.40 14.29 -22.27
N GLY B 209 -0.52 13.77 -21.06
CA GLY B 209 -0.94 14.53 -19.90
C GLY B 209 0.21 14.70 -18.92
N ALA B 210 0.26 15.85 -18.27
CA ALA B 210 1.34 16.19 -17.34
C ALA B 210 0.76 16.68 -16.03
N CYS B 211 1.64 17.00 -15.09
CA CYS B 211 1.26 17.44 -13.75
C CYS B 211 0.84 18.90 -13.70
N ASP B 212 0.96 19.64 -14.81
CA ASP B 212 0.54 21.03 -14.88
C ASP B 212 -0.94 21.16 -15.24
N ALA B 213 -1.72 20.10 -15.05
CA ALA B 213 -3.16 20.13 -15.30
C ALA B 213 -3.47 20.56 -16.73
N SER B 214 -2.71 20.03 -17.68
CA SER B 214 -2.91 20.33 -19.10
C SER B 214 -2.60 19.09 -19.93
N ALA B 215 -3.24 19.01 -21.10
CA ALA B 215 -2.99 17.96 -22.07
C ALA B 215 -2.66 18.61 -23.40
N LYS B 216 -1.59 18.14 -24.04
CA LYS B 216 -1.08 18.72 -25.27
C LYS B 216 -1.06 17.66 -26.37
N LEU B 217 -1.49 18.06 -27.57
CA LEU B 217 -1.48 17.19 -28.73
C LEU B 217 -0.21 17.43 -29.52
N TRP B 218 0.48 16.35 -29.88
CA TRP B 218 1.77 16.43 -30.55
C TRP B 218 1.70 15.75 -31.92
N ASP B 219 2.52 16.26 -32.84
CA ASP B 219 2.65 15.67 -34.17
C ASP B 219 3.95 14.88 -34.20
N VAL B 220 3.85 13.58 -34.53
CA VAL B 220 5.03 12.71 -34.48
C VAL B 220 6.08 13.17 -35.49
N ARG B 221 5.65 13.49 -36.71
CA ARG B 221 6.60 13.84 -37.75
C ARG B 221 7.03 15.31 -37.65
N GLU B 222 6.07 16.23 -37.54
CA GLU B 222 6.42 17.65 -37.44
C GLU B 222 7.21 17.91 -36.17
N GLY B 223 6.80 17.31 -35.05
CA GLY B 223 7.49 17.43 -33.80
C GLY B 223 7.04 18.57 -32.91
N MET B 224 6.18 19.44 -33.41
CA MET B 224 5.69 20.58 -32.65
C MET B 224 4.30 20.30 -32.10
N CYS B 225 3.93 21.08 -31.08
CA CYS B 225 2.62 20.95 -30.46
C CYS B 225 1.59 21.67 -31.32
N ARG B 226 0.51 20.97 -31.67
CA ARG B 226 -0.55 21.53 -32.50
C ARG B 226 -1.75 22.01 -31.69
N GLN B 227 -1.97 21.45 -30.50
CA GLN B 227 -3.15 21.78 -29.72
C GLN B 227 -2.87 21.51 -28.25
N THR B 228 -3.49 22.33 -27.38
CA THR B 228 -3.33 22.20 -25.95
C THR B 228 -4.70 22.26 -25.28
N PHE B 229 -4.81 21.59 -24.13
CA PHE B 229 -6.05 21.55 -23.37
C PHE B 229 -5.73 21.86 -21.91
N THR B 230 -6.55 22.72 -21.30
CA THR B 230 -6.39 23.12 -19.90
C THR B 230 -7.78 23.17 -19.27
N GLY B 231 -8.19 22.05 -18.66
CA GLY B 231 -9.48 21.99 -18.00
C GLY B 231 -9.44 21.31 -16.65
N HIS B 232 -8.29 20.73 -16.29
CA HIS B 232 -8.13 20.04 -15.04
C HIS B 232 -7.63 21.00 -13.95
N GLU B 233 -7.79 20.57 -12.69
CA GLU B 233 -7.37 21.36 -11.55
C GLU B 233 -6.14 20.80 -10.84
N SER B 234 -5.74 19.57 -11.14
CA SER B 234 -4.59 18.95 -10.50
C SER B 234 -3.79 18.21 -11.58
N ASP B 235 -2.81 17.43 -11.14
CA ASP B 235 -1.94 16.72 -12.05
C ASP B 235 -2.72 15.67 -12.85
N ILE B 236 -2.35 15.50 -14.11
CA ILE B 236 -2.96 14.51 -14.98
C ILE B 236 -2.00 13.33 -15.10
N ASN B 237 -2.50 12.14 -14.78
CA ASN B 237 -1.69 10.93 -14.80
C ASN B 237 -2.25 9.84 -15.70
N ALA B 238 -3.46 10.01 -16.23
CA ALA B 238 -4.09 9.03 -17.11
C ALA B 238 -4.63 9.74 -18.34
N ILE B 239 -4.44 9.12 -19.50
CA ILE B 239 -4.93 9.67 -20.76
C ILE B 239 -5.07 8.52 -21.74
N CYS B 240 -6.13 8.57 -22.54
CA CYS B 240 -6.40 7.53 -23.53
C CYS B 240 -7.15 8.15 -24.71
N PHE B 241 -6.81 7.69 -25.91
CA PHE B 241 -7.43 8.22 -27.13
C PHE B 241 -8.76 7.56 -27.38
N PHE B 242 -9.74 8.36 -27.80
CA PHE B 242 -11.03 7.82 -28.19
C PHE B 242 -10.88 6.97 -29.45
N PRO B 243 -11.65 5.88 -29.57
CA PRO B 243 -11.47 5.01 -30.74
C PRO B 243 -11.59 5.73 -32.07
N ASN B 244 -12.50 6.70 -32.18
CA ASN B 244 -12.62 7.47 -33.41
C ASN B 244 -11.35 8.26 -33.69
N GLY B 245 -10.57 8.59 -32.67
CA GLY B 245 -9.34 9.32 -32.83
C GLY B 245 -9.47 10.83 -32.79
N ASN B 246 -10.70 11.36 -32.68
CA ASN B 246 -10.94 12.79 -32.64
C ASN B 246 -11.21 13.30 -31.23
N ALA B 247 -11.01 12.47 -30.21
CA ALA B 247 -11.25 12.87 -28.84
C ALA B 247 -10.41 11.99 -27.92
N PHE B 248 -10.28 12.43 -26.68
CA PHE B 248 -9.55 11.67 -25.67
C PHE B 248 -10.06 12.06 -24.29
N ALA B 249 -9.82 11.16 -23.33
CA ALA B 249 -10.21 11.37 -21.95
C ALA B 249 -8.96 11.40 -21.07
N THR B 250 -9.03 12.17 -19.99
CA THR B 250 -7.91 12.35 -19.07
C THR B 250 -8.36 12.13 -17.64
N GLY B 251 -7.45 11.63 -16.82
CA GLY B 251 -7.70 11.43 -15.41
C GLY B 251 -6.69 12.19 -14.57
N SER B 252 -7.14 12.70 -13.44
CA SER B 252 -6.31 13.52 -12.56
C SER B 252 -6.60 13.13 -11.12
N ASP B 253 -6.03 13.91 -10.19
CA ASP B 253 -6.21 13.70 -8.76
C ASP B 253 -7.46 14.40 -8.22
N ASP B 254 -8.22 15.08 -9.09
CA ASP B 254 -9.43 15.78 -8.67
C ASP B 254 -10.65 14.86 -8.60
N ALA B 255 -10.47 13.56 -8.85
CA ALA B 255 -11.58 12.61 -8.90
C ALA B 255 -12.52 12.93 -10.05
N THR B 256 -11.98 13.49 -11.13
CA THR B 256 -12.77 13.88 -12.29
C THR B 256 -12.08 13.38 -13.56
N CYS B 257 -12.88 12.81 -14.46
CA CYS B 257 -12.45 12.48 -15.81
C CYS B 257 -13.14 13.44 -16.78
N ARG B 258 -12.37 13.99 -17.72
CA ARG B 258 -12.88 15.00 -18.63
C ARG B 258 -12.58 14.59 -20.06
N LEU B 259 -13.56 14.78 -20.94
CA LEU B 259 -13.46 14.39 -22.34
C LEU B 259 -13.14 15.63 -23.17
N PHE B 260 -12.06 15.55 -23.95
CA PHE B 260 -11.63 16.64 -24.82
C PHE B 260 -11.68 16.18 -26.27
N ASP B 261 -12.15 17.07 -27.15
CA ASP B 261 -12.21 16.81 -28.58
C ASP B 261 -11.18 17.66 -29.29
N LEU B 262 -10.38 17.04 -30.16
CA LEU B 262 -9.33 17.76 -30.86
C LEU B 262 -9.91 18.84 -31.77
N ARG B 263 -11.00 18.52 -32.46
CA ARG B 263 -11.60 19.44 -33.42
C ARG B 263 -12.40 20.56 -32.76
N ALA B 264 -12.65 20.48 -31.45
CA ALA B 264 -13.41 21.50 -30.74
C ALA B 264 -12.57 22.31 -29.74
N ASP B 265 -11.43 21.78 -29.30
CA ASP B 265 -10.57 22.48 -28.35
C ASP B 265 -11.32 22.83 -27.07
N GLN B 266 -12.22 21.96 -26.63
CA GLN B 266 -13.04 22.23 -25.46
C GLN B 266 -13.33 20.93 -24.72
N GLU B 267 -13.73 21.09 -23.46
CA GLU B 267 -14.12 19.97 -22.61
C GLU B 267 -15.59 19.65 -22.89
N LEU B 268 -15.86 18.46 -23.43
CA LEU B 268 -17.23 18.08 -23.72
C LEU B 268 -18.02 17.82 -22.44
N MET B 269 -17.45 17.07 -21.51
CA MET B 269 -18.13 16.75 -20.27
C MET B 269 -17.11 16.40 -19.19
N THR B 270 -17.56 16.40 -17.95
CA THR B 270 -16.77 15.99 -16.80
C THR B 270 -17.46 14.83 -16.10
N TYR B 271 -16.72 13.75 -15.87
CA TYR B 271 -17.25 12.57 -15.18
C TYR B 271 -16.77 12.62 -13.74
N SER B 272 -17.69 12.91 -12.82
CA SER B 272 -17.34 13.02 -11.41
C SER B 272 -18.59 12.78 -10.57
N HIS B 273 -18.36 12.47 -9.29
CA HIS B 273 -19.44 12.25 -8.34
C HIS B 273 -19.03 12.85 -7.00
N ASP B 274 -20.04 13.23 -6.21
CA ASP B 274 -19.76 13.86 -4.92
C ASP B 274 -19.01 12.91 -3.99
N ASN B 275 -19.41 11.63 -3.96
CA ASN B 275 -18.83 10.68 -3.02
C ASN B 275 -17.41 10.26 -3.40
N ILE B 276 -16.93 10.63 -4.59
CA ILE B 276 -15.58 10.28 -5.03
C ILE B 276 -14.69 11.50 -4.80
N ILE B 277 -13.64 11.31 -4.01
CA ILE B 277 -12.68 12.38 -3.71
C ILE B 277 -11.27 11.89 -3.95
N CYS B 278 -11.11 10.58 -4.18
CA CYS B 278 -9.80 10.00 -4.40
C CYS B 278 -9.31 10.29 -5.83
N GLY B 279 -8.02 10.05 -6.04
CA GLY B 279 -7.42 10.33 -7.33
C GLY B 279 -7.77 9.26 -8.37
N ILE B 280 -7.34 9.55 -9.60
CA ILE B 280 -7.56 8.66 -10.74
C ILE B 280 -6.20 8.26 -11.28
N THR B 281 -6.03 6.96 -11.53
CA THR B 281 -4.74 6.40 -11.94
C THR B 281 -4.66 6.08 -13.42
N SER B 282 -5.70 5.43 -13.97
CA SER B 282 -5.71 5.02 -15.36
C SER B 282 -7.11 5.18 -15.94
N VAL B 283 -7.17 5.38 -17.26
CA VAL B 283 -8.42 5.49 -17.98
C VAL B 283 -8.31 4.70 -19.27
N SER B 284 -9.45 4.30 -19.83
CA SER B 284 -9.48 3.56 -21.08
C SER B 284 -10.91 3.49 -21.59
N PHE B 285 -11.05 3.53 -22.91
CA PHE B 285 -12.34 3.43 -23.57
C PHE B 285 -12.60 2.00 -24.02
N SER B 286 -13.87 1.71 -24.32
CA SER B 286 -14.24 0.44 -24.89
C SER B 286 -13.97 0.45 -26.39
N LYS B 287 -14.34 -0.64 -27.06
CA LYS B 287 -14.10 -0.72 -28.50
C LYS B 287 -14.89 0.36 -29.25
N SER B 288 -16.15 0.57 -28.87
CA SER B 288 -16.98 1.60 -29.48
C SER B 288 -16.87 2.95 -28.79
N GLY B 289 -16.20 3.02 -27.64
CA GLY B 289 -16.07 4.25 -26.89
C GLY B 289 -17.27 4.63 -26.06
N ARG B 290 -18.31 3.80 -26.03
CA ARG B 290 -19.51 4.14 -25.26
C ARG B 290 -19.21 4.20 -23.77
N LEU B 291 -18.41 3.27 -23.26
CA LEU B 291 -18.10 3.17 -21.85
C LEU B 291 -16.67 3.61 -21.60
N LEU B 292 -16.48 4.46 -20.58
CA LEU B 292 -15.16 4.92 -20.16
C LEU B 292 -14.84 4.30 -18.80
N LEU B 293 -13.79 3.49 -18.75
CA LEU B 293 -13.37 2.84 -17.52
C LEU B 293 -12.16 3.59 -16.96
N ALA B 294 -12.26 4.01 -15.70
CA ALA B 294 -11.21 4.79 -15.06
C ALA B 294 -10.84 4.15 -13.72
N GLY B 295 -9.56 3.93 -13.51
CA GLY B 295 -9.06 3.41 -12.25
C GLY B 295 -8.98 4.51 -11.20
N TYR B 296 -9.21 4.13 -9.95
CA TYR B 296 -9.24 5.07 -8.84
C TYR B 296 -8.39 4.55 -7.69
N ASP B 297 -8.07 5.44 -6.76
CA ASP B 297 -7.28 5.11 -5.58
C ASP B 297 -8.12 4.55 -4.44
N ASP B 298 -9.43 4.43 -4.62
CA ASP B 298 -10.31 3.86 -3.62
C ASP B 298 -10.38 2.35 -3.68
N PHE B 299 -9.39 1.71 -4.30
CA PHE B 299 -9.25 0.26 -4.40
C PHE B 299 -10.24 -0.38 -5.36
N ASN B 300 -11.00 0.42 -6.10
CA ASN B 300 -11.99 -0.11 -7.03
C ASN B 300 -12.06 0.80 -8.25
N CYS B 301 -12.54 0.22 -9.36
CA CYS B 301 -12.72 0.92 -10.61
C CYS B 301 -14.21 1.00 -10.96
N ASN B 302 -14.62 2.14 -11.49
CA ASN B 302 -16.01 2.36 -11.87
C ASN B 302 -16.09 2.69 -13.35
N VAL B 303 -17.13 2.16 -14.01
CA VAL B 303 -17.33 2.34 -15.44
C VAL B 303 -18.28 3.51 -15.64
N TRP B 304 -17.86 4.47 -16.46
CA TRP B 304 -18.65 5.66 -16.75
C TRP B 304 -19.24 5.57 -18.15
N ASP B 305 -20.27 6.38 -18.38
CA ASP B 305 -20.92 6.49 -19.68
C ASP B 305 -20.38 7.73 -20.39
N ALA B 306 -19.76 7.52 -21.55
CA ALA B 306 -19.11 8.60 -22.27
C ALA B 306 -20.09 9.60 -22.87
N LEU B 307 -21.38 9.26 -22.95
CA LEU B 307 -22.38 10.14 -23.56
C LEU B 307 -23.24 10.88 -22.55
N LYS B 308 -23.65 10.23 -21.46
CA LYS B 308 -24.50 10.86 -20.46
C LYS B 308 -23.78 11.13 -19.15
N ALA B 309 -22.50 10.77 -19.03
CA ALA B 309 -21.73 11.05 -17.82
C ALA B 309 -22.40 10.48 -16.58
N ASP B 310 -22.92 9.25 -16.69
CA ASP B 310 -23.58 8.56 -15.60
C ASP B 310 -22.86 7.25 -15.33
N ARG B 311 -22.58 6.98 -14.05
CA ARG B 311 -21.91 5.74 -13.68
C ARG B 311 -22.79 4.55 -14.04
N ALA B 312 -22.16 3.51 -14.58
CA ALA B 312 -22.86 2.30 -14.99
C ALA B 312 -22.56 1.09 -14.10
N GLY B 313 -21.35 0.97 -13.59
CA GLY B 313 -21.00 -0.15 -12.74
C GLY B 313 -19.68 0.09 -12.05
N VAL B 314 -19.44 -0.70 -10.99
CA VAL B 314 -18.24 -0.61 -10.19
C VAL B 314 -17.56 -1.97 -10.19
N LEU B 315 -16.26 -1.97 -10.53
CA LEU B 315 -15.46 -3.20 -10.54
C LEU B 315 -14.65 -3.25 -9.25
N ALA B 316 -15.32 -3.71 -8.19
CA ALA B 316 -14.69 -3.83 -6.88
C ALA B 316 -14.12 -5.23 -6.74
N GLY B 317 -12.84 -5.39 -7.06
CA GLY B 317 -12.19 -6.68 -6.97
C GLY B 317 -10.76 -6.59 -6.48
N HIS B 318 -10.34 -5.41 -6.04
CA HIS B 318 -8.99 -5.19 -5.54
C HIS B 318 -9.05 -4.55 -4.16
N ASP B 319 -8.18 -5.01 -3.27
CA ASP B 319 -8.08 -4.47 -1.92
C ASP B 319 -7.01 -3.40 -1.79
N ASN B 320 -6.34 -3.04 -2.88
CA ASN B 320 -5.27 -2.05 -2.86
C ASN B 320 -5.46 -1.09 -4.04
N ARG B 321 -4.61 -0.07 -4.09
CA ARG B 321 -4.72 0.96 -5.11
C ARG B 321 -4.69 0.33 -6.51
N VAL B 322 -5.62 0.76 -7.36
CA VAL B 322 -5.64 0.36 -8.77
C VAL B 322 -4.71 1.30 -9.53
N SER B 323 -3.69 0.74 -10.18
CA SER B 323 -2.66 1.53 -10.84
C SER B 323 -2.79 1.56 -12.35
N CYS B 324 -3.17 0.45 -12.98
CA CYS B 324 -3.23 0.36 -14.43
C CYS B 324 -4.50 -0.35 -14.85
N LEU B 325 -4.96 -0.05 -16.07
CA LEU B 325 -6.15 -0.66 -16.62
C LEU B 325 -6.09 -0.56 -18.14
N GLY B 326 -6.41 -1.66 -18.81
CA GLY B 326 -6.35 -1.70 -20.26
C GLY B 326 -7.39 -2.60 -20.88
N VAL B 327 -7.97 -2.17 -22.00
CA VAL B 327 -9.01 -2.92 -22.71
C VAL B 327 -8.39 -3.56 -23.94
N THR B 328 -8.81 -4.79 -24.23
CA THR B 328 -8.31 -5.50 -25.40
C THR B 328 -8.77 -4.81 -26.68
N ASP B 329 -8.03 -5.04 -27.76
CA ASP B 329 -8.36 -4.43 -29.04
C ASP B 329 -9.75 -4.85 -29.51
N ASP B 330 -10.08 -6.13 -29.35
CA ASP B 330 -11.39 -6.63 -29.73
C ASP B 330 -12.47 -6.30 -28.70
N GLY B 331 -12.10 -5.75 -27.55
CA GLY B 331 -13.07 -5.39 -26.54
C GLY B 331 -13.64 -6.54 -25.75
N MET B 332 -13.09 -7.75 -25.89
CA MET B 332 -13.66 -8.90 -25.20
C MET B 332 -13.57 -8.75 -23.69
N ALA B 333 -12.43 -8.26 -23.19
CA ALA B 333 -12.23 -8.17 -21.75
C ALA B 333 -11.32 -6.98 -21.44
N VAL B 334 -11.37 -6.54 -20.19
CA VAL B 334 -10.57 -5.44 -19.69
C VAL B 334 -9.77 -5.93 -18.49
N ALA B 335 -8.47 -5.67 -18.48
CA ALA B 335 -7.59 -6.06 -17.40
C ALA B 335 -7.39 -4.89 -16.44
N THR B 336 -7.42 -5.19 -15.15
CA THR B 336 -7.23 -4.18 -14.10
C THR B 336 -6.09 -4.62 -13.20
N GLY B 337 -5.11 -3.74 -13.02
CA GLY B 337 -3.97 -4.00 -12.15
C GLY B 337 -4.04 -3.18 -10.89
N SER B 338 -3.51 -3.76 -9.80
CA SER B 338 -3.54 -3.11 -8.49
C SER B 338 -2.20 -3.30 -7.82
N TRP B 339 -1.99 -2.53 -6.75
CA TRP B 339 -0.76 -2.63 -5.96
C TRP B 339 -0.72 -3.88 -5.09
N ASP B 340 -1.81 -4.64 -5.02
CA ASP B 340 -1.85 -5.90 -4.29
C ASP B 340 -1.23 -7.05 -5.09
N SER B 341 -0.48 -6.75 -6.15
CA SER B 341 0.25 -7.76 -6.91
C SER B 341 -0.67 -8.77 -7.57
N PHE B 342 -1.87 -8.35 -7.96
CA PHE B 342 -2.83 -9.21 -8.64
C PHE B 342 -3.41 -8.48 -9.84
N LEU B 343 -3.53 -9.20 -10.96
CA LEU B 343 -4.20 -8.71 -12.15
C LEU B 343 -5.49 -9.51 -12.35
N LYS B 344 -6.60 -8.81 -12.54
CA LYS B 344 -7.89 -9.44 -12.72
C LYS B 344 -8.47 -9.06 -14.09
N ILE B 345 -8.99 -10.07 -14.79
CA ILE B 345 -9.61 -9.89 -16.10
C ILE B 345 -11.11 -9.82 -15.91
N TRP B 346 -11.72 -8.76 -16.42
CA TRP B 346 -13.15 -8.53 -16.27
C TRP B 346 -13.82 -8.63 -17.63
N ASN B 347 -15.01 -9.23 -17.65
CA ASN B 347 -15.77 -9.40 -18.88
C ASN B 347 -17.28 -9.34 -18.60
N ALA C 7 17.64 34.42 -20.86
CA ALA C 7 16.73 34.17 -19.70
C ALA C 7 15.31 33.91 -20.20
N SER C 8 14.31 34.42 -19.48
CA SER C 8 12.92 34.23 -19.87
C SER C 8 12.57 34.91 -21.19
N ILE C 9 13.41 35.81 -21.69
CA ILE C 9 13.12 36.49 -22.94
C ILE C 9 13.02 35.49 -24.08
N ALA C 10 13.92 34.51 -24.11
CA ALA C 10 13.89 33.49 -25.15
C ALA C 10 12.73 32.51 -25.01
N GLN C 11 12.17 32.38 -23.81
CA GLN C 11 11.05 31.47 -23.56
C GLN C 11 9.70 32.14 -23.80
N ALA C 12 9.58 33.43 -23.49
CA ALA C 12 8.33 34.13 -23.72
C ALA C 12 8.00 34.20 -25.20
N ARG C 13 9.01 34.43 -26.04
CA ARG C 13 8.78 34.45 -27.49
C ARG C 13 8.28 33.11 -27.98
N LYS C 14 8.89 32.01 -27.52
CA LYS C 14 8.43 30.69 -27.92
C LYS C 14 7.01 30.44 -27.44
N LEU C 15 6.69 30.86 -26.20
CA LEU C 15 5.35 30.65 -25.67
C LEU C 15 4.32 31.41 -26.49
N VAL C 16 4.59 32.67 -26.83
CA VAL C 16 3.63 33.44 -27.60
C VAL C 16 3.50 32.88 -29.01
N GLU C 17 4.60 32.40 -29.60
CA GLU C 17 4.52 31.77 -30.92
C GLU C 17 3.65 30.53 -30.86
N GLN C 18 3.81 29.70 -29.83
CA GLN C 18 2.99 28.51 -29.68
C GLN C 18 1.52 28.89 -29.51
N LEU C 19 1.24 29.93 -28.72
CA LEU C 19 -0.14 30.36 -28.54
C LEU C 19 -0.73 30.84 -29.86
N LYS C 20 0.03 31.60 -30.63
CA LYS C 20 -0.45 32.07 -31.93
C LYS C 20 -0.74 30.89 -32.86
N MET C 21 0.16 29.90 -32.90
CA MET C 21 -0.07 28.74 -33.74
C MET C 21 -1.31 27.98 -33.30
N GLU C 22 -1.51 27.84 -31.99
CA GLU C 22 -2.70 27.15 -31.49
C GLU C 22 -3.97 27.93 -31.79
N ALA C 23 -3.89 29.26 -31.86
CA ALA C 23 -5.06 30.09 -32.12
C ALA C 23 -5.39 30.20 -33.60
N ASN C 24 -4.59 29.62 -34.48
CA ASN C 24 -4.79 29.69 -35.93
C ASN C 24 -5.36 28.40 -36.50
N ILE C 25 -6.25 27.73 -35.75
CA ILE C 25 -6.81 26.45 -36.18
C ILE C 25 -8.29 26.63 -36.49
N ASP C 26 -8.93 25.56 -36.96
CA ASP C 26 -10.33 25.65 -37.35
C ASP C 26 -11.23 25.81 -36.14
N ARG C 27 -11.20 24.84 -35.22
CA ARG C 27 -11.99 24.89 -34.00
C ARG C 27 -13.49 24.95 -34.31
N ILE C 28 -13.97 23.85 -34.89
CA ILE C 28 -15.35 23.76 -35.33
C ILE C 28 -16.29 23.68 -34.13
N LYS C 29 -17.59 23.83 -34.39
CA LYS C 29 -18.58 23.87 -33.32
C LYS C 29 -18.64 22.53 -32.56
N VAL C 30 -19.02 22.63 -31.28
CA VAL C 30 -19.13 21.45 -30.44
C VAL C 30 -20.26 20.54 -30.92
N SER C 31 -21.30 21.12 -31.52
CA SER C 31 -22.44 20.31 -31.94
C SER C 31 -22.02 19.25 -32.97
N LYS C 32 -21.20 19.65 -33.95
CA LYS C 32 -20.76 18.69 -34.96
C LYS C 32 -19.93 17.57 -34.33
N ALA C 33 -19.04 17.92 -33.40
CA ALA C 33 -18.23 16.90 -32.73
C ALA C 33 -19.10 15.95 -31.93
N ALA C 34 -20.09 16.48 -31.21
CA ALA C 34 -20.99 15.62 -30.43
C ALA C 34 -21.78 14.70 -31.35
N ALA C 35 -22.27 15.22 -32.47
CA ALA C 35 -23.00 14.39 -33.42
C ALA C 35 -22.11 13.28 -33.98
N ASP C 36 -20.86 13.62 -34.32
CA ASP C 36 -19.94 12.61 -34.83
C ASP C 36 -19.66 11.53 -33.79
N LEU C 37 -19.45 11.95 -32.53
CA LEU C 37 -19.21 10.97 -31.47
C LEU C 37 -20.41 10.06 -31.28
N MET C 38 -21.62 10.63 -31.27
CA MET C 38 -22.82 9.80 -31.12
C MET C 38 -22.95 8.83 -32.27
N ALA C 39 -22.71 9.30 -33.51
CA ALA C 39 -22.82 8.41 -34.65
C ALA C 39 -21.81 7.28 -34.58
N TYR C 40 -20.56 7.59 -34.20
CA TYR C 40 -19.54 6.55 -34.08
C TYR C 40 -19.92 5.54 -32.99
N CYS C 41 -20.40 6.03 -31.85
CA CYS C 41 -20.77 5.12 -30.77
C CYS C 41 -21.93 4.21 -31.18
N GLU C 42 -22.93 4.77 -31.86
CA GLU C 42 -24.07 3.97 -32.28
C GLU C 42 -23.68 2.97 -33.36
N ALA C 43 -22.78 3.34 -34.27
CA ALA C 43 -22.39 2.46 -35.35
C ALA C 43 -21.61 1.24 -34.87
N HIS C 44 -21.01 1.32 -33.68
CA HIS C 44 -20.20 0.23 -33.15
C HIS C 44 -20.79 -0.36 -31.88
N ALA C 45 -22.04 -0.02 -31.56
CA ALA C 45 -22.65 -0.55 -30.33
C ALA C 45 -22.78 -2.07 -30.39
N LYS C 46 -23.18 -2.60 -31.55
CA LYS C 46 -23.36 -4.05 -31.67
C LYS C 46 -22.06 -4.81 -31.46
N GLU C 47 -20.94 -4.28 -31.96
CA GLU C 47 -19.65 -4.96 -31.90
C GLU C 47 -18.81 -4.52 -30.72
N ASP C 48 -19.45 -4.20 -29.59
CA ASP C 48 -18.74 -3.84 -28.36
C ASP C 48 -19.08 -4.88 -27.29
N PRO C 49 -18.21 -5.87 -27.07
CA PRO C 49 -18.55 -6.91 -26.08
C PRO C 49 -18.81 -6.35 -24.69
N LEU C 50 -18.06 -5.33 -24.25
CA LEU C 50 -18.28 -4.78 -22.92
C LEU C 50 -19.66 -4.14 -22.81
N LEU C 51 -20.05 -3.35 -23.83
CA LEU C 51 -21.37 -2.72 -23.79
C LEU C 51 -22.47 -3.77 -23.95
N THR C 52 -22.30 -4.69 -24.90
CA THR C 52 -23.26 -5.77 -25.13
C THR C 52 -22.59 -7.09 -24.82
N PRO C 53 -22.85 -7.72 -23.68
CA PRO C 53 -22.17 -8.98 -23.36
C PRO C 53 -22.42 -10.04 -24.42
N VAL C 54 -21.37 -10.79 -24.74
CA VAL C 54 -21.44 -11.86 -25.73
C VAL C 54 -21.97 -13.12 -25.05
N PRO C 55 -22.70 -13.99 -25.74
CA PRO C 55 -23.10 -15.26 -25.13
C PRO C 55 -21.89 -16.09 -24.74
N ALA C 56 -22.12 -17.06 -23.86
CA ALA C 56 -21.04 -17.88 -23.35
C ALA C 56 -20.69 -19.01 -24.32
N SER C 57 -20.47 -18.65 -25.59
CA SER C 57 -20.03 -19.61 -26.58
C SER C 57 -18.91 -19.10 -27.48
N GLU C 58 -18.63 -17.79 -27.48
CA GLU C 58 -17.58 -17.22 -28.31
C GLU C 58 -16.49 -16.50 -27.51
N ASN C 59 -16.81 -16.00 -26.33
CA ASN C 59 -15.83 -15.30 -25.52
C ASN C 59 -14.83 -16.30 -24.93
N PRO C 60 -13.53 -16.14 -25.17
CA PRO C 60 -12.58 -17.10 -24.59
C PRO C 60 -12.63 -17.17 -23.08
N PHE C 61 -12.97 -16.07 -22.41
CA PHE C 61 -13.01 -16.04 -20.94
C PHE C 61 -14.34 -16.60 -20.46
N ARG C 62 -14.50 -17.91 -20.68
CA ARG C 62 -15.75 -18.58 -20.28
C ARG C 62 -15.94 -18.53 -18.77
N GLU C 63 -14.87 -18.77 -18.01
CA GLU C 63 -14.96 -18.77 -16.55
C GLU C 63 -13.67 -18.22 -15.93
N LEU D 5 -20.65 -50.17 38.03
CA LEU D 5 -19.16 -50.17 38.22
C LEU D 5 -18.45 -50.21 36.88
N ARG D 6 -17.68 -49.16 36.59
CA ARG D 6 -16.96 -49.04 35.34
C ARG D 6 -15.76 -48.11 35.53
N CYS D 7 -14.64 -48.50 34.94
CA CYS D 7 -13.45 -47.68 34.94
C CYS D 7 -13.53 -46.67 33.78
N MET D 8 -12.57 -45.76 33.73
CA MET D 8 -12.56 -44.68 32.76
C MET D 8 -11.19 -44.57 32.11
N LEU D 9 -11.17 -44.31 30.80
CA LEU D 9 -9.92 -44.16 30.07
C LEU D 9 -10.20 -43.35 28.81
N GLY D 10 -9.69 -42.12 28.77
CA GLY D 10 -9.81 -41.29 27.58
C GLY D 10 -11.23 -41.08 27.10
N ARG D 11 -12.04 -40.39 27.89
CA ARG D 11 -13.39 -39.97 27.48
C ARG D 11 -14.34 -41.15 27.33
N VAL D 12 -13.87 -42.37 27.57
CA VAL D 12 -14.70 -43.57 27.48
C VAL D 12 -14.30 -44.51 28.61
N TYR D 13 -15.14 -45.52 28.83
CA TYR D 13 -14.97 -46.42 29.96
C TYR D 13 -13.91 -47.47 29.66
N ARG D 14 -13.52 -48.20 30.71
CA ARG D 14 -12.58 -49.30 30.61
C ARG D 14 -13.07 -50.41 31.52
N PRO D 15 -12.78 -51.68 31.20
CA PRO D 15 -13.10 -52.76 32.14
C PRO D 15 -12.19 -52.71 33.36
N CYS D 16 -12.79 -52.90 34.54
CA CYS D 16 -12.02 -52.86 35.78
C CYS D 16 -11.09 -54.06 35.87
N TRP D 17 -9.89 -53.81 36.38
CA TRP D 17 -8.92 -54.88 36.61
C TRP D 17 -9.09 -55.45 38.01
N GLN D 18 -9.20 -56.78 38.10
CA GLN D 18 -9.42 -57.46 39.36
C GLN D 18 -8.22 -58.32 39.71
N VAL D 19 -7.75 -58.20 40.95
CA VAL D 19 -6.61 -58.97 41.44
C VAL D 19 -5.40 -58.70 40.54
N GLN E 3 -8.32 26.65 -16.83
CA GLN E 3 -6.87 26.67 -16.46
C GLN E 3 -6.70 27.25 -15.06
N VAL E 4 -5.77 26.67 -14.30
CA VAL E 4 -5.51 27.13 -12.94
C VAL E 4 -4.45 28.24 -13.00
N GLN E 5 -4.81 29.41 -12.49
CA GLN E 5 -3.90 30.55 -12.45
C GLN E 5 -4.08 31.29 -11.13
N LEU E 6 -3.00 31.92 -10.67
CA LEU E 6 -2.99 32.68 -9.43
C LEU E 6 -2.37 34.04 -9.68
N GLN E 7 -3.03 35.09 -9.18
CA GLN E 7 -2.57 36.46 -9.32
C GLN E 7 -2.46 37.10 -7.94
N GLU E 8 -1.33 37.76 -7.69
CA GLU E 8 -1.08 38.44 -6.44
C GLU E 8 -1.20 39.94 -6.62
N SER E 9 -1.97 40.58 -5.74
CA SER E 9 -2.21 42.02 -5.78
C SER E 9 -1.69 42.64 -4.48
N GLY E 10 -0.94 43.72 -4.61
CA GLY E 10 -0.38 44.44 -3.49
C GLY E 10 1.10 44.63 -3.65
N GLY E 11 1.78 44.87 -2.53
CA GLY E 11 3.22 45.07 -2.53
C GLY E 11 3.61 46.48 -2.93
N GLY E 12 4.92 46.69 -3.00
CA GLY E 12 5.50 47.97 -3.34
C GLY E 12 6.63 48.31 -2.41
N LEU E 13 6.91 49.61 -2.30
CA LEU E 13 7.95 50.12 -1.41
C LEU E 13 7.33 50.56 -0.10
N VAL E 14 7.87 50.06 1.00
CA VAL E 14 7.35 50.33 2.34
C VAL E 14 8.52 50.66 3.27
N GLN E 15 8.32 51.66 4.12
CA GLN E 15 9.33 52.01 5.11
C GLN E 15 9.47 50.88 6.13
N PRO E 16 10.65 50.72 6.73
CA PRO E 16 10.82 49.66 7.73
C PRO E 16 9.88 49.86 8.91
N GLY E 17 9.35 48.75 9.41
CA GLY E 17 8.39 48.79 10.49
C GLY E 17 6.98 49.10 10.08
N GLY E 18 6.72 49.31 8.78
CA GLY E 18 5.38 49.60 8.31
C GLY E 18 4.56 48.35 8.12
N SER E 19 3.33 48.55 7.63
CA SER E 19 2.38 47.48 7.40
C SER E 19 1.76 47.61 6.02
N LEU E 20 1.66 46.49 5.32
CA LEU E 20 1.02 46.45 4.00
C LEU E 20 0.17 45.19 3.92
N ARG E 21 -0.88 45.25 3.12
CA ARG E 21 -1.82 44.16 2.95
C ARG E 21 -1.89 43.79 1.47
N LEU E 22 -1.71 42.51 1.18
CA LEU E 22 -1.77 42.00 -0.19
C LEU E 22 -2.73 40.83 -0.25
N SER E 23 -3.32 40.63 -1.44
CA SER E 23 -4.31 39.59 -1.65
C SER E 23 -3.94 38.77 -2.88
N CYS E 24 -4.32 37.50 -2.87
CA CYS E 24 -4.09 36.58 -3.96
C CYS E 24 -5.43 36.17 -4.57
N ALA E 25 -5.52 36.28 -5.89
CA ALA E 25 -6.73 35.91 -6.62
C ALA E 25 -6.59 34.50 -7.16
N ALA E 26 -7.60 33.67 -6.92
CA ALA E 26 -7.61 32.28 -7.33
C ALA E 26 -8.78 32.01 -8.25
N SER E 27 -8.53 31.28 -9.33
CA SER E 27 -9.56 30.94 -10.30
C SER E 27 -9.20 29.62 -10.97
N GLY E 28 -10.22 28.99 -11.54
CA GLY E 28 -10.03 27.73 -12.25
C GLY E 28 -10.05 26.49 -11.38
N PHE E 29 -10.25 26.63 -10.07
CA PHE E 29 -10.31 25.48 -9.18
C PHE E 29 -11.12 25.84 -7.95
N THR E 30 -11.56 24.81 -7.23
CA THR E 30 -12.32 24.99 -6.00
C THR E 30 -11.38 25.50 -4.91
N PHE E 31 -11.50 26.78 -4.57
CA PHE E 31 -10.59 27.37 -3.58
C PHE E 31 -10.73 26.69 -2.22
N SER E 32 -11.96 26.40 -1.80
CA SER E 32 -12.18 25.83 -0.48
C SER E 32 -11.51 24.47 -0.33
N ASN E 33 -11.60 23.63 -1.36
CA ASN E 33 -11.12 22.26 -1.27
C ASN E 33 -9.60 22.14 -1.37
N TYR E 34 -8.90 23.22 -1.72
CA TYR E 34 -7.45 23.18 -1.92
C TYR E 34 -6.75 23.97 -0.81
N LYS E 35 -5.79 23.32 -0.17
CA LYS E 35 -4.97 23.99 0.84
C LYS E 35 -4.07 25.02 0.18
N MET E 36 -3.97 26.20 0.79
CA MET E 36 -3.24 27.32 0.23
C MET E 36 -1.99 27.60 1.07
N ASN E 37 -0.93 28.01 0.39
CA ASN E 37 0.35 28.31 1.03
C ASN E 37 0.95 29.58 0.44
N TRP E 38 1.84 30.20 1.20
CA TRP E 38 2.59 31.36 0.76
C TRP E 38 4.07 31.02 0.71
N VAL E 39 4.72 31.37 -0.40
CA VAL E 39 6.12 31.06 -0.63
C VAL E 39 6.86 32.37 -0.88
N ARG E 40 7.99 32.56 -0.22
CA ARG E 40 8.82 33.75 -0.35
C ARG E 40 10.18 33.37 -0.92
N GLN E 41 10.75 34.28 -1.70
CA GLN E 41 12.04 34.07 -2.34
C GLN E 41 12.86 35.35 -2.22
N ALA E 42 13.74 35.41 -1.21
CA ALA E 42 14.59 36.56 -1.04
C ALA E 42 15.63 36.61 -2.17
N PRO E 43 16.08 37.80 -2.56
CA PRO E 43 17.09 37.89 -3.62
C PRO E 43 18.33 37.09 -3.26
N GLY E 44 18.84 36.34 -4.24
CA GLY E 44 20.01 35.52 -4.03
C GLY E 44 19.79 34.29 -3.19
N LYS E 45 18.53 33.94 -2.91
CA LYS E 45 18.21 32.80 -2.07
C LYS E 45 17.04 32.04 -2.69
N GLY E 46 16.95 30.75 -2.32
CA GLY E 46 15.93 29.88 -2.87
C GLY E 46 14.57 30.09 -2.22
N LEU E 47 13.60 29.32 -2.69
CA LEU E 47 12.24 29.42 -2.18
C LEU E 47 12.18 28.96 -0.73
N GLU E 48 11.35 29.65 0.06
CA GLU E 48 11.13 29.28 1.45
C GLU E 48 9.65 29.36 1.77
N TRP E 49 9.22 28.57 2.75
CA TRP E 49 7.83 28.52 3.16
C TRP E 49 7.58 29.53 4.27
N VAL E 50 6.46 30.25 4.17
CA VAL E 50 6.09 31.29 5.14
C VAL E 50 4.91 30.83 6.00
N SER E 51 3.77 30.54 5.39
CA SER E 51 2.58 30.14 6.13
C SER E 51 1.68 29.31 5.23
N ASP E 52 0.75 28.59 5.86
CA ASP E 52 -0.21 27.76 5.16
C ASP E 52 -1.58 27.94 5.81
N ILE E 53 -2.61 27.65 5.02
CA ILE E 53 -4.00 27.80 5.45
C ILE E 53 -4.73 26.48 5.22
N SER E 54 -5.44 26.02 6.24
CA SER E 54 -6.19 24.77 6.13
C SER E 54 -7.39 24.96 5.20
N GLN E 55 -8.01 23.84 4.85
CA GLN E 55 -9.18 23.89 3.97
C GLN E 55 -10.31 24.71 4.60
N SER E 56 -10.57 24.49 5.89
CA SER E 56 -11.55 25.26 6.63
C SER E 56 -10.92 26.36 7.48
N GLY E 57 -9.60 26.51 7.43
CA GLY E 57 -8.91 27.50 8.22
C GLY E 57 -8.67 27.12 9.66
N ALA E 58 -9.04 25.90 10.08
CA ALA E 58 -8.86 25.50 11.47
C ALA E 58 -7.40 25.47 11.86
N SER E 59 -6.53 24.94 10.98
CA SER E 59 -5.11 24.80 11.27
C SER E 59 -4.37 25.96 10.62
N ILE E 60 -3.71 26.78 11.45
CA ILE E 60 -2.94 27.92 10.99
C ILE E 60 -1.52 27.79 11.54
N SER E 61 -0.52 27.92 10.67
CA SER E 61 0.87 27.81 11.07
C SER E 61 1.69 28.88 10.36
N TYR E 62 2.80 29.26 10.99
CA TYR E 62 3.70 30.26 10.44
C TYR E 62 5.13 29.77 10.60
N THR E 63 6.01 30.27 9.72
CA THR E 63 7.43 29.97 9.85
C THR E 63 8.02 30.74 11.03
N GLY E 64 9.12 30.22 11.56
CA GLY E 64 9.72 30.82 12.74
C GLY E 64 10.18 32.25 12.52
N SER E 65 10.62 32.57 11.31
CA SER E 65 11.18 33.89 11.04
C SER E 65 10.14 34.99 11.27
N VAL E 66 8.91 34.78 10.80
CA VAL E 66 7.86 35.79 10.88
C VAL E 66 6.71 35.34 11.79
N LYS E 67 6.93 34.33 12.63
CA LYS E 67 5.88 33.89 13.53
C LYS E 67 5.50 35.01 14.49
N GLY E 68 4.18 35.20 14.67
CA GLY E 68 3.69 36.24 15.54
C GLY E 68 3.69 37.63 14.93
N ARG E 69 4.02 37.76 13.66
CA ARG E 69 4.07 39.06 12.98
C ARG E 69 3.07 39.20 11.86
N PHE E 70 2.91 38.17 11.03
CA PHE E 70 2.00 38.22 9.88
C PHE E 70 0.68 37.55 10.24
N THR E 71 -0.42 38.21 9.90
CA THR E 71 -1.76 37.67 10.08
C THR E 71 -2.31 37.28 8.71
N ILE E 72 -2.81 36.06 8.61
CA ILE E 72 -3.28 35.49 7.36
C ILE E 72 -4.72 35.03 7.53
N SER E 73 -5.57 35.34 6.55
CA SER E 73 -6.97 35.00 6.59
C SER E 73 -7.38 34.36 5.28
N ARG E 74 -8.54 33.69 5.29
CA ARG E 74 -9.07 33.00 4.12
C ARG E 74 -10.47 33.48 3.83
N ASP E 75 -10.82 33.51 2.55
CA ASP E 75 -12.16 33.91 2.09
C ASP E 75 -12.58 32.94 1.00
N ASN E 76 -13.27 31.87 1.39
CA ASN E 76 -13.72 30.87 0.41
C ASN E 76 -14.81 31.43 -0.50
N ALA E 77 -15.65 32.34 0.02
CA ALA E 77 -16.74 32.88 -0.78
C ALA E 77 -16.21 33.63 -1.99
N LYS E 78 -15.17 34.44 -1.80
CA LYS E 78 -14.59 35.24 -2.87
C LYS E 78 -13.44 34.55 -3.58
N ASN E 79 -13.07 33.33 -3.16
CA ASN E 79 -11.98 32.59 -3.77
C ASN E 79 -10.69 33.42 -3.80
N THR E 80 -10.42 34.11 -2.70
CA THR E 80 -9.24 34.95 -2.57
C THR E 80 -8.56 34.67 -1.23
N LEU E 81 -7.25 34.90 -1.20
CA LEU E 81 -6.44 34.68 -0.02
C LEU E 81 -5.84 36.01 0.43
N TYR E 82 -5.96 36.29 1.73
CA TYR E 82 -5.47 37.53 2.32
C TYR E 82 -4.27 37.24 3.21
N LEU E 83 -3.28 38.13 3.17
CA LEU E 83 -2.09 38.02 3.99
C LEU E 83 -1.74 39.42 4.51
N GLN E 84 -1.92 39.63 5.81
CA GLN E 84 -1.64 40.92 6.43
C GLN E 84 -0.24 40.89 7.04
N MET E 85 0.60 41.83 6.63
CA MET E 85 1.98 41.93 7.11
C MET E 85 2.16 43.28 7.79
N ASN E 86 2.70 43.26 9.01
CA ASN E 86 2.95 44.47 9.77
C ASN E 86 4.28 44.34 10.49
N SER E 87 4.87 45.48 10.83
CA SER E 87 6.18 45.53 11.48
C SER E 87 7.23 44.80 10.65
N LEU E 88 7.32 45.18 9.38
CA LEU E 88 8.26 44.55 8.47
C LEU E 88 9.69 44.97 8.80
N LYS E 89 10.63 44.22 8.24
CA LYS E 89 12.06 44.43 8.45
C LYS E 89 12.76 44.48 7.10
N PRO E 90 13.94 45.11 7.03
CA PRO E 90 14.64 45.18 5.74
C PRO E 90 14.92 43.82 5.12
N GLU E 91 15.20 42.81 5.93
CA GLU E 91 15.47 41.47 5.41
C GLU E 91 14.24 40.81 4.81
N ASP E 92 13.05 41.37 5.02
CA ASP E 92 11.83 40.80 4.47
C ASP E 92 11.61 41.16 3.01
N THR E 93 12.46 42.01 2.43
CA THR E 93 12.31 42.40 1.03
C THR E 93 12.54 41.19 0.13
N ALA E 94 11.47 40.69 -0.49
CA ALA E 94 11.54 39.49 -1.31
C ALA E 94 10.32 39.48 -2.24
N VAL E 95 10.10 38.34 -2.89
CA VAL E 95 8.95 38.15 -3.78
C VAL E 95 8.06 37.10 -3.14
N TYR E 96 6.79 37.45 -2.93
CA TYR E 96 5.81 36.55 -2.34
C TYR E 96 5.05 35.84 -3.45
N TYR E 97 5.09 34.51 -3.45
CA TYR E 97 4.43 33.70 -4.46
C TYR E 97 3.22 33.02 -3.82
N CYS E 98 2.08 33.12 -4.50
CA CYS E 98 0.85 32.47 -4.04
C CYS E 98 0.85 31.03 -4.54
N ALA E 99 1.05 30.09 -3.64
CA ALA E 99 1.19 28.69 -3.97
C ALA E 99 -0.03 27.90 -3.51
N ARG E 100 -0.40 26.90 -4.32
CA ARG E 100 -1.51 26.00 -4.03
C ARG E 100 -0.99 24.58 -3.92
N CYS E 101 -1.58 23.81 -3.01
CA CYS E 101 -1.17 22.42 -2.84
C CYS E 101 -1.48 21.63 -4.10
N PRO E 102 -0.66 20.65 -4.46
CA PRO E 102 -0.87 19.94 -5.73
C PRO E 102 -2.21 19.21 -5.80
N ALA E 103 -2.71 18.68 -4.68
CA ALA E 103 -3.93 17.91 -4.67
C ALA E 103 -4.88 18.41 -3.60
N PRO E 104 -6.18 18.25 -3.79
CA PRO E 104 -7.13 18.68 -2.76
C PRO E 104 -7.37 17.61 -1.72
N PHE E 105 -7.89 18.05 -0.57
CA PHE E 105 -8.22 17.16 0.55
C PHE E 105 -7.00 16.36 0.99
N THR E 106 -5.83 17.01 0.97
CA THR E 106 -4.58 16.38 1.38
C THR E 106 -3.87 17.29 2.38
N ARG E 107 -3.44 16.69 3.50
CA ARG E 107 -2.68 17.43 4.50
C ARG E 107 -1.21 17.54 4.14
N ASP E 108 -0.75 16.81 3.12
CA ASP E 108 0.63 16.82 2.68
C ASP E 108 0.75 17.55 1.34
N CYS E 109 1.78 18.39 1.23
CA CYS E 109 2.02 19.14 0.00
C CYS E 109 3.53 19.23 -0.20
N PHE E 110 4.03 18.50 -1.21
CA PHE E 110 5.47 18.44 -1.46
C PHE E 110 5.96 19.56 -2.37
N ASP E 111 5.13 20.01 -3.31
CA ASP E 111 5.54 20.99 -4.31
C ASP E 111 5.40 22.43 -3.82
N VAL E 112 5.33 22.64 -2.50
CA VAL E 112 5.16 24.00 -1.99
C VAL E 112 6.36 24.86 -2.39
N THR E 113 7.57 24.32 -2.23
CA THR E 113 8.81 25.02 -2.53
C THR E 113 9.53 24.26 -3.64
N SER E 114 9.22 24.61 -4.89
CA SER E 114 9.84 24.00 -6.05
C SER E 114 10.24 25.10 -7.03
N THR E 115 11.36 24.88 -7.72
CA THR E 115 11.88 25.89 -8.65
C THR E 115 10.92 26.11 -9.81
N THR E 116 10.33 25.03 -10.34
CA THR E 116 9.48 25.08 -11.52
C THR E 116 8.07 24.61 -11.20
N TYR E 117 7.53 25.05 -10.07
CA TYR E 117 6.17 24.68 -9.70
C TYR E 117 5.18 25.29 -10.68
N ALA E 118 4.16 24.50 -11.04
CA ALA E 118 3.15 24.97 -11.98
C ALA E 118 1.97 25.65 -11.30
N TYR E 119 1.63 25.25 -10.07
CA TYR E 119 0.48 25.80 -9.36
C TYR E 119 0.93 26.94 -8.44
N ARG E 120 1.53 27.96 -9.04
CA ARG E 120 1.90 29.16 -8.32
C ARG E 120 1.71 30.36 -9.24
N GLY E 121 1.50 31.53 -8.62
CA GLY E 121 1.33 32.76 -9.36
C GLY E 121 2.65 33.41 -9.71
N GLN E 122 2.55 34.53 -10.44
CA GLN E 122 3.76 35.26 -10.83
C GLN E 122 4.46 35.87 -9.62
N GLY E 123 3.71 36.34 -8.65
CA GLY E 123 4.30 36.92 -7.45
C GLY E 123 4.46 38.43 -7.54
N THR E 124 4.55 39.06 -6.39
CA THR E 124 4.71 40.51 -6.27
C THR E 124 5.97 40.83 -5.49
N GLN E 125 6.70 41.84 -5.94
CA GLN E 125 7.93 42.26 -5.29
C GLN E 125 7.62 43.27 -4.20
N VAL E 126 8.14 43.02 -2.99
CA VAL E 126 8.01 43.92 -1.86
C VAL E 126 9.40 44.35 -1.43
N THR E 127 9.60 45.66 -1.29
CA THR E 127 10.89 46.24 -0.93
C THR E 127 10.75 47.02 0.36
N VAL E 128 11.61 46.72 1.32
CA VAL E 128 11.64 47.41 2.61
C VAL E 128 12.98 48.15 2.69
N SER E 129 12.92 49.47 2.74
CA SER E 129 14.13 50.28 2.81
C SER E 129 13.78 51.65 3.38
N SER E 130 14.80 52.32 3.91
CA SER E 130 14.61 53.65 4.48
C SER E 130 14.82 54.73 3.42
N HIS E 131 13.93 55.71 3.42
CA HIS E 131 14.00 56.81 2.47
C HIS E 131 13.67 58.14 3.15
N VAL F 31 -32.09 -34.85 40.76
CA VAL F 31 -32.70 -33.72 40.01
C VAL F 31 -31.59 -32.80 39.49
N VAL F 32 -30.71 -32.39 40.41
CA VAL F 32 -29.61 -31.49 40.03
C VAL F 32 -28.68 -32.17 39.03
N ASP F 33 -28.35 -33.44 39.30
CA ASP F 33 -27.37 -34.13 38.45
C ASP F 33 -27.86 -34.23 37.01
N THR F 34 -29.14 -34.55 36.82
CA THR F 34 -29.69 -34.79 35.50
C THR F 34 -30.19 -33.52 34.80
N VAL F 35 -30.10 -32.37 35.44
CA VAL F 35 -30.62 -31.13 34.86
C VAL F 35 -29.52 -30.08 34.76
N ILE F 36 -28.90 -29.74 35.89
CA ILE F 36 -27.94 -28.65 35.91
C ILE F 36 -26.68 -29.03 35.15
N LEU F 37 -26.13 -30.21 35.42
CA LEU F 37 -24.84 -30.57 34.83
C LEU F 37 -24.90 -30.64 33.31
N PRO F 38 -25.91 -31.24 32.68
CA PRO F 38 -25.93 -31.24 31.21
C PRO F 38 -26.02 -29.85 30.59
N SER F 39 -26.45 -28.84 31.36
CA SER F 39 -26.64 -27.51 30.80
C SER F 39 -25.33 -26.93 30.27
N MET F 40 -24.24 -27.10 31.02
CA MET F 40 -22.97 -26.49 30.59
C MET F 40 -22.49 -27.08 29.27
N ILE F 41 -22.77 -28.35 29.02
CA ILE F 41 -22.35 -28.97 27.75
C ILE F 41 -23.00 -28.24 26.58
N GLY F 42 -24.30 -27.99 26.69
CA GLY F 42 -25.00 -27.30 25.60
C GLY F 42 -24.50 -25.88 25.40
N ILE F 43 -24.26 -25.16 26.50
CA ILE F 43 -23.75 -23.80 26.40
C ILE F 43 -22.39 -23.79 25.71
N ILE F 44 -21.50 -24.68 26.12
CA ILE F 44 -20.17 -24.75 25.52
C ILE F 44 -20.29 -25.10 24.04
N CYS F 45 -21.13 -26.07 23.70
CA CYS F 45 -21.28 -26.48 22.31
C CYS F 45 -21.79 -25.32 21.46
N SER F 46 -22.82 -24.61 21.94
CA SER F 46 -23.37 -23.51 21.18
C SER F 46 -22.35 -22.39 21.01
N THR F 47 -21.66 -22.03 22.08
CA THR F 47 -20.65 -20.96 22.00
C THR F 47 -19.56 -21.34 21.01
N GLY F 48 -19.06 -22.57 21.09
CA GLY F 48 -18.03 -22.99 20.16
C GLY F 48 -18.51 -22.99 18.73
N LEU F 49 -19.71 -23.51 18.49
CA LEU F 49 -20.25 -23.53 17.13
C LEU F 49 -20.33 -22.10 16.58
N VAL F 50 -20.94 -21.19 17.33
CA VAL F 50 -21.13 -19.84 16.80
C VAL F 50 -19.80 -19.16 16.56
N GLY F 51 -18.87 -19.27 17.53
CA GLY F 51 -17.59 -18.60 17.37
C GLY F 51 -16.78 -19.14 16.20
N ASN F 52 -16.70 -20.47 16.10
CA ASN F 52 -15.94 -21.08 15.01
C ASN F 52 -16.57 -20.76 13.66
N ILE F 53 -17.89 -20.82 13.56
CA ILE F 53 -18.54 -20.50 12.29
C ILE F 53 -18.27 -19.06 11.91
N LEU F 54 -18.38 -18.14 12.88
CA LEU F 54 -18.14 -16.73 12.57
C LEU F 54 -16.71 -16.51 12.11
N ILE F 55 -15.74 -17.12 12.79
CA ILE F 55 -14.34 -16.92 12.41
C ILE F 55 -14.06 -17.51 11.03
N VAL F 56 -14.56 -18.71 10.77
CA VAL F 56 -14.32 -19.34 9.48
C VAL F 56 -14.96 -18.52 8.36
N PHE F 57 -16.18 -18.04 8.57
CA PHE F 57 -16.84 -17.22 7.56
C PHE F 57 -16.06 -15.93 7.32
N THR F 58 -15.59 -15.29 8.39
CA THR F 58 -14.84 -14.05 8.24
C THR F 58 -13.55 -14.29 7.47
N ILE F 59 -12.83 -15.37 7.78
CA ILE F 59 -11.56 -15.62 7.11
C ILE F 59 -11.77 -15.97 5.65
N ILE F 60 -12.73 -16.85 5.36
CA ILE F 60 -12.97 -17.25 3.97
C ILE F 60 -13.46 -16.06 3.16
N ARG F 61 -14.39 -15.28 3.72
CA ARG F 61 -14.92 -14.14 2.99
C ARG F 61 -13.86 -13.09 2.72
N SER F 62 -12.98 -12.85 3.69
CA SER F 62 -11.93 -11.84 3.52
C SER F 62 -11.04 -12.20 2.34
N ARG F 63 -10.78 -11.21 1.48
CA ARG F 63 -9.93 -11.45 0.32
C ARG F 63 -8.46 -11.58 0.72
N LYS F 64 -8.04 -10.81 1.72
CA LYS F 64 -6.66 -10.82 2.19
C LYS F 64 -6.53 -11.85 3.30
N LYS F 65 -5.77 -12.92 3.03
CA LYS F 65 -5.50 -13.96 4.01
C LYS F 65 -3.99 -14.13 4.14
N THR F 66 -3.50 -14.07 5.37
CA THR F 66 -2.09 -14.19 5.67
C THR F 66 -1.84 -15.45 6.52
N VAL F 67 -0.57 -15.69 6.82
CA VAL F 67 -0.21 -16.87 7.61
C VAL F 67 -0.93 -16.88 8.96
N PRO F 68 -0.94 -15.79 9.73
CA PRO F 68 -1.75 -15.81 10.97
C PRO F 68 -3.21 -16.11 10.70
N ASP F 69 -3.77 -15.57 9.61
CA ASP F 69 -5.16 -15.86 9.28
C ASP F 69 -5.35 -17.34 8.96
N ILE F 70 -4.41 -17.93 8.22
CA ILE F 70 -4.51 -19.35 7.89
C ILE F 70 -4.45 -20.19 9.17
N TYR F 71 -3.53 -19.88 10.08
CA TYR F 71 -3.45 -20.62 11.33
C TYR F 71 -4.73 -20.47 12.15
N ILE F 72 -5.27 -19.26 12.23
CA ILE F 72 -6.49 -19.05 12.99
C ILE F 72 -7.66 -19.81 12.37
N CYS F 73 -7.76 -19.81 11.04
CA CYS F 73 -8.84 -20.54 10.38
C CYS F 73 -8.70 -22.04 10.61
N ASN F 74 -7.48 -22.57 10.53
CA ASN F 74 -7.28 -23.99 10.77
C ASN F 74 -7.65 -24.34 12.21
N LEU F 75 -7.25 -23.51 13.17
CA LEU F 75 -7.60 -23.76 14.56
C LEU F 75 -9.12 -23.70 14.76
N ALA F 76 -9.78 -22.74 14.11
CA ALA F 76 -11.24 -22.63 14.23
C ALA F 76 -11.93 -23.86 13.66
N VAL F 77 -11.46 -24.34 12.51
CA VAL F 77 -12.05 -25.54 11.91
C VAL F 77 -11.83 -26.75 12.81
N ALA F 78 -10.62 -26.88 13.36
CA ALA F 78 -10.35 -27.99 14.25
C ALA F 78 -11.24 -27.94 15.48
N ASP F 79 -11.42 -26.75 16.07
CA ASP F 79 -12.28 -26.62 17.23
C ASP F 79 -13.73 -26.93 16.87
N LEU F 80 -14.18 -26.48 15.70
CA LEU F 80 -15.55 -26.76 15.28
C LEU F 80 -15.77 -28.27 15.15
N VAL F 81 -14.84 -28.96 14.50
CA VAL F 81 -14.98 -30.40 14.34
C VAL F 81 -14.93 -31.10 15.69
N HIS F 82 -14.02 -30.65 16.57
CA HIS F 82 -13.90 -31.27 17.88
C HIS F 82 -15.18 -31.12 18.69
N ILE F 83 -15.78 -29.93 18.66
CA ILE F 83 -17.00 -29.70 19.43
C ILE F 83 -18.20 -30.40 18.80
N VAL F 84 -18.24 -30.50 17.47
CA VAL F 84 -19.36 -31.18 16.82
C VAL F 84 -19.44 -32.63 17.28
N GLY F 85 -18.29 -33.27 17.46
CA GLY F 85 -18.27 -34.64 17.93
C GLY F 85 -18.43 -34.78 19.43
N MET F 86 -18.37 -33.68 20.17
CA MET F 86 -18.45 -33.76 21.63
C MET F 86 -19.76 -34.37 22.10
N PRO F 87 -20.93 -33.90 21.67
CA PRO F 87 -22.18 -34.46 22.22
C PRO F 87 -22.31 -35.97 22.01
N PHE F 88 -21.79 -36.50 20.90
CA PHE F 88 -21.93 -37.93 20.64
C PHE F 88 -21.22 -38.76 21.70
N LEU F 89 -20.14 -38.25 22.27
CA LEU F 89 -19.45 -38.95 23.35
C LEU F 89 -19.96 -38.59 24.73
N ILE F 90 -20.32 -37.32 24.94
CA ILE F 90 -20.78 -36.89 26.26
C ILE F 90 -22.11 -37.55 26.60
N HIS F 91 -22.98 -37.74 25.60
CA HIS F 91 -24.31 -38.29 25.86
C HIS F 91 -24.23 -39.63 26.60
N GLN F 92 -23.17 -40.40 26.37
CA GLN F 92 -23.00 -41.67 27.07
C GLN F 92 -22.92 -41.46 28.58
N TRP F 93 -22.14 -40.46 28.99
CA TRP F 93 -22.03 -40.16 30.42
C TRP F 93 -23.36 -39.69 31.00
N ALA F 94 -24.07 -38.83 30.27
CA ALA F 94 -25.36 -38.34 30.77
C ALA F 94 -26.36 -39.47 30.92
N ARG F 95 -26.38 -40.39 29.95
CA ARG F 95 -27.29 -41.54 30.00
C ARG F 95 -26.93 -42.52 31.11
N GLY F 96 -25.75 -42.37 31.73
CA GLY F 96 -25.29 -43.30 32.73
C GLY F 96 -24.43 -44.42 32.21
N GLY F 97 -23.99 -44.35 30.95
CA GLY F 97 -23.17 -45.38 30.34
C GLY F 97 -23.77 -46.00 29.10
N GLU F 98 -25.09 -45.93 28.90
CA GLU F 98 -25.70 -46.54 27.73
C GLU F 98 -25.27 -45.82 26.47
N TRP F 99 -24.90 -46.59 25.44
CA TRP F 99 -24.53 -46.06 24.14
C TRP F 99 -25.65 -46.38 23.16
N VAL F 100 -26.15 -45.35 22.47
CA VAL F 100 -27.32 -45.52 21.61
C VAL F 100 -26.99 -45.48 20.12
N PHE F 101 -25.77 -45.11 19.75
CA PHE F 101 -25.40 -44.96 18.35
C PHE F 101 -24.83 -46.23 17.73
N GLY F 102 -24.77 -47.33 18.48
CA GLY F 102 -24.33 -48.59 17.93
C GLY F 102 -22.83 -48.79 18.02
N GLY F 103 -22.38 -49.91 17.46
CA GLY F 103 -21.00 -50.31 17.52
C GLY F 103 -20.10 -49.51 16.61
N PRO F 104 -20.30 -49.62 15.30
CA PRO F 104 -19.38 -48.93 14.36
C PRO F 104 -19.28 -47.44 14.61
N LEU F 105 -20.41 -46.79 14.92
CA LEU F 105 -20.37 -45.36 15.21
C LEU F 105 -19.56 -45.07 16.46
N CYS F 106 -19.55 -45.97 17.43
CA CYS F 106 -18.72 -45.77 18.61
C CYS F 106 -17.26 -45.63 18.24
N THR F 107 -16.74 -46.58 17.46
CA THR F 107 -15.35 -46.51 17.04
C THR F 107 -15.10 -45.30 16.16
N ILE F 108 -16.01 -45.01 15.24
CA ILE F 108 -15.84 -43.86 14.35
C ILE F 108 -15.70 -42.59 15.17
N ILE F 109 -16.63 -42.38 16.10
CA ILE F 109 -16.67 -41.14 16.88
C ILE F 109 -15.45 -41.04 17.77
N THR F 110 -15.07 -42.15 18.43
CA THR F 110 -13.91 -42.11 19.32
C THR F 110 -12.65 -41.77 18.54
N SER F 111 -12.43 -42.44 17.40
CA SER F 111 -11.23 -42.17 16.61
C SER F 111 -11.22 -40.74 16.09
N LEU F 112 -12.37 -40.25 15.60
CA LEU F 112 -12.42 -38.89 15.08
C LEU F 112 -12.20 -37.87 16.19
N ASP F 113 -12.73 -38.13 17.39
CA ASP F 113 -12.52 -37.21 18.50
C ASP F 113 -11.05 -37.17 18.90
N THR F 114 -10.40 -38.34 18.95
CA THR F 114 -8.97 -38.35 19.27
C THR F 114 -8.17 -37.63 18.19
N CYS F 115 -8.54 -37.82 16.92
CA CYS F 115 -7.86 -37.11 15.84
C CYS F 115 -8.05 -35.61 15.97
N ASN F 116 -9.25 -35.17 16.34
CA ASN F 116 -9.50 -33.75 16.53
C ASN F 116 -8.67 -33.20 17.69
N GLN F 117 -8.56 -33.97 18.77
CA GLN F 117 -7.72 -33.55 19.90
C GLN F 117 -6.28 -33.37 19.45
N PHE F 118 -5.74 -34.36 18.75
CA PHE F 118 -4.36 -34.25 18.26
C PHE F 118 -4.21 -33.08 17.32
N ALA F 119 -5.18 -32.86 16.43
CA ALA F 119 -5.10 -31.76 15.49
C ALA F 119 -5.09 -30.42 16.20
N CYS F 120 -5.96 -30.26 17.21
CA CYS F 120 -6.00 -29.01 17.96
C CYS F 120 -4.68 -28.77 18.69
N SER F 121 -4.15 -29.81 19.34
CA SER F 121 -2.89 -29.64 20.05
C SER F 121 -1.76 -29.27 19.10
N ALA F 122 -1.66 -29.98 17.97
CA ALA F 122 -0.61 -29.69 17.00
C ALA F 122 -0.76 -28.29 16.40
N ILE F 123 -2.00 -27.88 16.12
CA ILE F 123 -2.23 -26.56 15.57
C ILE F 123 -1.79 -25.50 16.56
N MET F 124 -2.14 -25.67 17.84
CA MET F 124 -1.69 -24.71 18.85
C MET F 124 -0.18 -24.65 18.91
N THR F 125 0.48 -25.81 18.93
CA THR F 125 1.93 -25.84 19.05
C THR F 125 2.60 -25.16 17.86
N VAL F 126 2.17 -25.51 16.64
CA VAL F 126 2.80 -24.98 15.45
C VAL F 126 2.50 -23.49 15.30
N MET F 127 1.29 -23.06 15.67
CA MET F 127 0.97 -21.64 15.64
C MET F 127 1.85 -20.85 16.61
N SER F 128 2.06 -21.40 17.82
CA SER F 128 2.93 -20.74 18.77
C SER F 128 4.36 -20.67 18.25
N VAL F 129 4.86 -21.75 17.64
CA VAL F 129 6.21 -21.74 17.10
C VAL F 129 6.34 -20.72 15.98
N ASP F 130 5.36 -20.68 15.08
CA ASP F 130 5.40 -19.72 13.97
C ASP F 130 5.36 -18.29 14.48
N ARG F 131 4.51 -18.04 15.49
CA ARG F 131 4.43 -16.70 16.07
C ARG F 131 5.75 -16.30 16.71
N TYR F 132 6.38 -17.23 17.44
CA TYR F 132 7.68 -16.95 18.04
C TYR F 132 8.70 -16.61 16.96
N PHE F 133 8.75 -17.41 15.89
CA PHE F 133 9.72 -17.15 14.83
C PHE F 133 9.45 -15.81 14.16
N ALA F 134 8.19 -15.48 13.89
CA ALA F 134 7.87 -14.23 13.23
C ALA F 134 8.24 -13.04 14.11
N LEU F 135 7.96 -13.12 15.41
CA LEU F 135 8.18 -11.98 16.30
C LEU F 135 9.62 -11.86 16.75
N VAL F 136 10.29 -12.99 17.00
CA VAL F 136 11.61 -12.98 17.62
C VAL F 136 12.71 -13.08 16.58
N GLN F 137 12.50 -13.92 15.56
CA GLN F 137 13.51 -14.19 14.54
C GLN F 137 12.91 -14.01 13.15
N PRO F 138 12.66 -12.77 12.74
CA PRO F 138 12.04 -12.55 11.41
C PRO F 138 12.84 -13.13 10.26
N PHE F 139 14.17 -13.06 10.33
CA PHE F 139 15.02 -13.46 9.21
C PHE F 139 15.47 -14.91 9.27
N ARG F 140 15.20 -15.62 10.37
CA ARG F 140 15.77 -16.95 10.55
C ARG F 140 15.07 -18.01 9.71
N LEU F 141 13.74 -17.94 9.57
CA LEU F 141 12.99 -19.00 8.93
C LEU F 141 11.99 -18.45 7.92
N THR F 142 12.44 -17.56 7.03
CA THR F 142 11.53 -16.92 6.08
C THR F 142 10.91 -17.95 5.13
N ARG F 143 11.69 -18.94 4.69
CA ARG F 143 11.22 -19.87 3.66
C ARG F 143 9.99 -20.64 4.13
N TRP F 144 10.01 -21.13 5.37
CA TRP F 144 8.94 -22.00 5.84
C TRP F 144 7.71 -21.22 6.30
N ARG F 145 7.83 -19.90 6.46
CA ARG F 145 6.70 -19.07 6.87
C ARG F 145 5.94 -18.47 5.70
N THR F 146 6.07 -19.04 4.51
CA THR F 146 5.33 -18.53 3.36
C THR F 146 3.90 -19.07 3.36
N ARG F 147 3.03 -18.36 2.62
CA ARG F 147 1.63 -18.76 2.53
C ARG F 147 1.51 -20.16 1.94
N TYR F 148 2.23 -20.43 0.84
CA TYR F 148 2.20 -21.75 0.22
C TYR F 148 2.70 -22.82 1.18
N LYS F 149 3.89 -22.60 1.75
CA LYS F 149 4.43 -23.56 2.70
C LYS F 149 3.62 -23.59 3.98
N THR F 150 3.00 -22.49 4.36
CA THR F 150 2.12 -22.50 5.53
C THR F 150 0.93 -23.43 5.30
N ILE F 151 0.29 -23.33 4.13
CA ILE F 151 -0.83 -24.21 3.83
C ILE F 151 -0.37 -25.66 3.77
N ARG F 152 0.79 -25.91 3.15
CA ARG F 152 1.29 -27.28 3.07
C ARG F 152 1.60 -27.82 4.45
N ILE F 153 2.16 -26.99 5.33
CA ILE F 153 2.46 -27.43 6.70
C ILE F 153 1.17 -27.76 7.44
N ASN F 154 0.13 -26.93 7.25
CA ASN F 154 -1.15 -27.22 7.91
C ASN F 154 -1.73 -28.55 7.40
N LEU F 155 -1.66 -28.78 6.09
CA LEU F 155 -2.16 -30.04 5.55
C LEU F 155 -1.37 -31.23 6.09
N GLY F 156 -0.05 -31.11 6.14
CA GLY F 156 0.76 -32.18 6.70
C GLY F 156 0.47 -32.40 8.17
N LEU F 157 0.20 -31.32 8.91
CA LEU F 157 -0.16 -31.45 10.31
C LEU F 157 -1.47 -32.21 10.47
N TRP F 158 -2.47 -31.89 9.65
CA TRP F 158 -3.73 -32.63 9.71
C TRP F 158 -3.51 -34.10 9.36
N ALA F 159 -2.70 -34.38 8.34
CA ALA F 159 -2.43 -35.76 7.96
C ALA F 159 -1.73 -36.51 9.09
N ALA F 160 -0.76 -35.88 9.74
CA ALA F 160 -0.06 -36.51 10.85
C ALA F 160 -1.01 -36.77 12.01
N SER F 161 -1.89 -35.81 12.31
CA SER F 161 -2.84 -35.98 13.40
C SER F 161 -3.78 -37.15 13.11
N PHE F 162 -4.25 -37.28 11.86
CA PHE F 162 -5.16 -38.37 11.53
C PHE F 162 -4.48 -39.72 11.69
N ILE F 163 -3.23 -39.85 11.23
CA ILE F 163 -2.55 -41.14 11.30
C ILE F 163 -2.07 -41.47 12.71
N LEU F 164 -1.96 -40.47 13.60
CA LEU F 164 -1.61 -40.73 14.98
C LEU F 164 -2.75 -41.34 15.77
N ALA F 165 -3.97 -41.32 15.23
CA ALA F 165 -5.13 -41.90 15.89
C ALA F 165 -5.40 -43.34 15.45
N LEU F 166 -4.51 -43.92 14.64
CA LEU F 166 -4.73 -45.30 14.20
C LEU F 166 -4.90 -46.27 15.35
N PRO F 167 -4.11 -46.19 16.44
CA PRO F 167 -4.34 -47.13 17.55
C PRO F 167 -5.74 -47.05 18.12
N VAL F 168 -6.37 -45.87 18.07
CA VAL F 168 -7.72 -45.73 18.61
C VAL F 168 -8.70 -46.61 17.84
N TRP F 169 -8.57 -46.66 16.51
CA TRP F 169 -9.45 -47.51 15.71
C TRP F 169 -9.37 -48.96 16.16
N VAL F 170 -8.20 -49.43 16.56
CA VAL F 170 -8.02 -50.84 16.87
C VAL F 170 -8.74 -51.20 18.15
N TYR F 171 -8.62 -50.38 19.19
CA TYR F 171 -9.10 -50.74 20.51
C TYR F 171 -10.46 -50.15 20.85
N SER F 172 -10.91 -49.12 20.14
CA SER F 172 -12.20 -48.51 20.44
C SER F 172 -13.33 -49.46 20.04
N LYS F 173 -14.06 -49.96 21.03
CA LYS F 173 -15.13 -50.92 20.78
C LYS F 173 -16.21 -50.75 21.84
N VAL F 174 -17.40 -51.24 21.53
CA VAL F 174 -18.48 -51.30 22.50
C VAL F 174 -18.34 -52.58 23.30
N ILE F 175 -18.32 -52.45 24.63
CA ILE F 175 -18.06 -53.56 25.54
C ILE F 175 -19.23 -53.71 26.50
N LYS F 176 -19.69 -54.93 26.68
CA LYS F 176 -20.76 -55.21 27.65
C LYS F 176 -20.22 -55.14 29.07
N PHE F 177 -21.06 -54.68 29.98
CA PHE F 177 -20.73 -54.61 31.40
C PHE F 177 -21.91 -55.13 32.21
N LYS F 178 -21.65 -55.47 33.46
CA LYS F 178 -22.69 -55.98 34.33
C LYS F 178 -23.84 -54.96 34.42
N ASP F 179 -25.04 -55.48 34.66
CA ASP F 179 -26.30 -54.74 34.59
C ASP F 179 -26.77 -54.55 33.16
N GLY F 180 -26.03 -55.02 32.16
CA GLY F 180 -26.47 -55.00 30.78
C GLY F 180 -26.55 -53.65 30.14
N VAL F 181 -25.81 -52.68 30.69
CA VAL F 181 -25.74 -51.35 30.04
C VAL F 181 -24.83 -51.47 28.82
N GLU F 182 -23.53 -51.71 29.04
CA GLU F 182 -22.52 -51.83 27.94
C GLU F 182 -21.98 -50.42 27.70
N SER F 183 -20.82 -50.28 27.05
CA SER F 183 -20.33 -48.88 26.91
C SER F 183 -19.39 -48.66 25.72
N CYS F 184 -19.29 -47.41 25.26
CA CYS F 184 -18.29 -47.03 24.24
C CYS F 184 -16.98 -47.08 25.01
N ALA F 185 -16.25 -48.19 24.95
CA ALA F 185 -15.07 -48.29 25.79
C ALA F 185 -13.87 -48.67 24.92
N PHE F 186 -12.75 -48.94 25.57
CA PHE F 186 -11.53 -49.39 24.91
C PHE F 186 -11.28 -50.86 25.24
N ASP F 187 -10.69 -51.58 24.29
CA ASP F 187 -10.34 -52.98 24.51
C ASP F 187 -8.96 -53.07 25.17
N LEU F 188 -8.78 -52.36 26.28
CA LEU F 188 -7.53 -52.34 27.02
C LEU F 188 -7.81 -52.72 28.46
N THR F 189 -7.16 -53.79 28.93
CA THR F 189 -7.36 -54.30 30.28
C THR F 189 -6.06 -54.49 31.04
N SER F 190 -5.01 -54.94 30.38
CA SER F 190 -3.75 -55.18 31.06
C SER F 190 -3.16 -53.86 31.56
N PRO F 191 -2.53 -53.84 32.74
CA PRO F 191 -1.95 -52.57 33.22
C PRO F 191 -0.92 -52.00 32.27
N ASP F 192 -0.11 -52.83 31.62
CA ASP F 192 0.94 -52.32 30.75
C ASP F 192 0.36 -51.60 29.54
N ASP F 193 -0.64 -52.21 28.89
CA ASP F 193 -1.24 -51.59 27.71
C ASP F 193 -1.96 -50.28 28.06
N VAL F 194 -2.71 -50.26 29.15
CA VAL F 194 -3.39 -49.03 29.54
C VAL F 194 -2.38 -47.96 29.92
N LEU F 195 -1.28 -48.34 30.58
CA LEU F 195 -0.24 -47.36 30.89
C LEU F 195 0.37 -46.79 29.62
N TRP F 196 0.66 -47.65 28.65
CA TRP F 196 1.22 -47.16 27.39
C TRP F 196 0.26 -46.20 26.70
N TYR F 197 -1.01 -46.59 26.60
CA TYR F 197 -1.98 -45.74 25.91
C TYR F 197 -2.16 -44.41 26.63
N THR F 198 -2.26 -44.44 27.97
CA THR F 198 -2.42 -43.20 28.72
C THR F 198 -1.22 -42.30 28.55
N LEU F 199 -0.01 -42.86 28.64
CA LEU F 199 1.18 -42.04 28.45
C LEU F 199 1.21 -41.42 27.06
N TYR F 200 0.97 -42.23 26.03
CA TYR F 200 1.01 -41.71 24.67
C TYR F 200 -0.01 -40.59 24.47
N LEU F 201 -1.26 -40.85 24.85
CA LEU F 201 -2.31 -39.85 24.66
C LEU F 201 -2.01 -38.58 25.43
N THR F 202 -1.74 -38.71 26.73
CA THR F 202 -1.53 -37.53 27.57
C THR F 202 -0.33 -36.72 27.11
N ILE F 203 0.81 -37.40 26.87
CA ILE F 203 1.99 -36.68 26.39
C ILE F 203 1.65 -35.94 25.11
N THR F 204 1.28 -36.67 24.05
CA THR F 204 1.11 -36.06 22.74
C THR F 204 0.08 -34.94 22.77
N THR F 205 -0.94 -35.05 23.64
CA THR F 205 -1.99 -34.05 23.64
C THR F 205 -1.62 -32.81 24.46
N PHE F 206 -1.05 -32.97 25.65
CA PHE F 206 -0.88 -31.84 26.55
C PHE F 206 0.55 -31.62 27.00
N PHE F 207 1.30 -32.71 27.26
CA PHE F 207 2.56 -32.54 27.98
C PHE F 207 3.74 -32.26 27.06
N PHE F 208 3.69 -32.68 25.80
CA PHE F 208 4.72 -32.26 24.86
C PHE F 208 4.39 -30.87 24.33
N PRO F 209 3.15 -30.59 23.94
CA PRO F 209 2.82 -29.23 23.48
C PRO F 209 3.05 -28.14 24.53
N LEU F 210 2.73 -28.41 25.79
CA LEU F 210 2.73 -27.35 26.80
C LEU F 210 4.11 -26.73 27.01
N PRO F 211 5.19 -27.51 27.19
CA PRO F 211 6.51 -26.88 27.31
C PRO F 211 6.87 -26.02 26.11
N LEU F 212 6.56 -26.48 24.90
CA LEU F 212 6.89 -25.70 23.71
C LEU F 212 6.12 -24.39 23.70
N ILE F 213 4.83 -24.44 24.00
CA ILE F 213 4.02 -23.22 23.99
C ILE F 213 4.50 -22.24 25.06
N LEU F 214 4.80 -22.75 26.26
CA LEU F 214 5.28 -21.88 27.32
C LEU F 214 6.62 -21.26 26.97
N VAL F 215 7.52 -22.04 26.39
CA VAL F 215 8.83 -21.52 26.01
C VAL F 215 8.67 -20.44 24.95
N CYS F 216 7.80 -20.68 23.95
CA CYS F 216 7.58 -19.68 22.92
C CYS F 216 7.03 -18.39 23.51
N TYR F 217 6.05 -18.50 24.41
CA TYR F 217 5.47 -17.31 25.03
C TYR F 217 6.52 -16.55 25.84
N ILE F 218 7.32 -17.27 26.62
CA ILE F 218 8.32 -16.61 27.47
C ILE F 218 9.39 -15.94 26.61
N LEU F 219 9.82 -16.61 25.54
CA LEU F 219 10.80 -16.00 24.65
C LEU F 219 10.24 -14.75 23.99
N ILE F 220 8.98 -14.80 23.55
CA ILE F 220 8.36 -13.63 22.94
C ILE F 220 8.31 -12.48 23.95
N LEU F 221 7.91 -12.78 25.19
CA LEU F 221 7.83 -11.75 26.21
C LEU F 221 9.20 -11.14 26.49
N CYS F 222 10.22 -11.99 26.60
CA CYS F 222 11.57 -11.49 26.87
C CYS F 222 12.08 -10.63 25.72
N TYR F 223 11.86 -11.06 24.48
CA TYR F 223 12.30 -10.28 23.34
C TYR F 223 11.59 -8.94 23.30
N THR F 224 10.27 -8.93 23.56
CA THR F 224 9.53 -7.67 23.58
C THR F 224 10.05 -6.75 24.68
N TRP F 225 10.33 -7.29 25.86
CA TRP F 225 10.86 -6.47 26.95
C TRP F 225 12.23 -5.89 26.58
N GLU F 226 13.09 -6.72 25.99
CA GLU F 226 14.41 -6.24 25.59
C GLU F 226 14.31 -5.12 24.56
N MET F 227 13.43 -5.29 23.57
CA MET F 227 13.26 -4.25 22.56
C MET F 227 12.69 -2.98 23.18
N TYR F 228 11.74 -3.13 24.11
CA TYR F 228 11.17 -1.97 24.78
C TYR F 228 12.25 -1.20 25.55
N GLN F 229 13.12 -1.92 26.27
CA GLN F 229 14.20 -1.26 26.99
C GLN F 229 15.19 -0.61 26.04
N GLN F 230 15.50 -1.29 24.92
CA GLN F 230 16.52 -0.78 24.01
C GLN F 230 16.05 0.46 23.26
N ASN F 231 14.75 0.52 22.93
CA ASN F 231 14.22 1.64 22.16
C ASN F 231 13.93 2.87 22.99
N LYS F 232 14.15 2.82 24.30
CA LYS F 232 13.85 3.98 25.15
C LYS F 232 14.66 5.20 24.73
N ASP F 233 15.85 5.00 24.19
CA ASP F 233 16.69 6.13 23.80
C ASP F 233 16.03 6.99 22.74
N ALA F 234 15.34 6.38 21.79
CA ALA F 234 14.72 7.10 20.68
C ALA F 234 13.24 7.37 20.91
N ARG F 235 12.73 7.15 22.12
CA ARG F 235 11.32 7.35 22.41
C ARG F 235 11.04 8.18 23.65
N CYS F 236 11.98 8.29 24.59
CA CYS F 236 11.74 8.95 25.86
C CYS F 236 12.20 10.41 25.88
N CYS F 237 12.71 10.93 24.76
CA CYS F 237 13.21 12.30 24.75
C CYS F 237 12.11 13.31 25.05
N ASN F 238 10.93 13.12 24.47
CA ASN F 238 9.84 14.07 24.61
C ASN F 238 8.56 13.29 24.88
N PRO F 239 7.54 13.94 25.47
CA PRO F 239 6.29 13.23 25.76
C PRO F 239 5.67 12.60 24.53
N SER F 240 5.59 11.27 24.52
CA SER F 240 5.04 10.53 23.40
C SER F 240 4.48 9.21 23.90
N VAL F 241 4.07 8.36 22.97
CA VAL F 241 3.52 7.05 23.31
C VAL F 241 4.62 6.23 23.99
N PRO F 242 4.39 5.70 25.21
CA PRO F 242 5.42 4.90 25.91
C PRO F 242 5.49 3.46 25.44
N LYS F 243 5.50 3.26 24.12
CA LYS F 243 5.60 1.94 23.50
C LYS F 243 4.43 1.05 23.88
N GLN F 244 3.36 1.63 24.44
CA GLN F 244 2.16 0.90 24.82
C GLN F 244 2.45 -0.23 25.80
N ARG F 245 3.54 -0.13 26.56
CA ARG F 245 3.90 -1.13 27.55
C ARG F 245 4.10 -2.50 26.90
N VAL F 246 4.44 -3.51 27.69
CA VAL F 246 4.80 -4.81 27.16
C VAL F 246 3.74 -5.88 27.45
N MET F 247 2.96 -5.76 28.53
CA MET F 247 1.99 -6.78 28.85
C MET F 247 0.76 -6.71 27.95
N LYS F 248 0.27 -5.51 27.65
CA LYS F 248 -0.99 -5.39 26.92
C LYS F 248 -0.87 -5.94 25.51
N LEU F 249 0.25 -5.67 24.83
CA LEU F 249 0.42 -6.11 23.45
C LEU F 249 0.79 -7.59 23.34
N THR F 250 1.04 -8.27 24.46
CA THR F 250 1.22 -9.71 24.49
C THR F 250 0.11 -10.40 25.29
N LYS F 251 -1.03 -9.74 25.46
CA LYS F 251 -2.09 -10.27 26.31
C LYS F 251 -2.77 -11.47 25.66
N MET F 252 -2.94 -11.44 24.34
CA MET F 252 -3.69 -12.50 23.67
C MET F 252 -2.99 -13.85 23.83
N VAL F 253 -1.68 -13.88 23.66
CA VAL F 253 -0.94 -15.14 23.80
C VAL F 253 -1.01 -15.65 25.23
N LEU F 254 -0.92 -14.75 26.21
CA LEU F 254 -1.01 -15.16 27.61
C LEU F 254 -2.39 -15.74 27.90
N VAL F 255 -3.44 -15.12 27.36
CA VAL F 255 -4.79 -15.63 27.58
C VAL F 255 -4.95 -16.98 26.90
N TYR F 256 -4.39 -17.15 25.71
CA TYR F 256 -4.42 -18.45 25.05
C TYR F 256 -3.76 -19.52 25.92
N VAL F 257 -2.59 -19.22 26.46
CA VAL F 257 -1.88 -20.18 27.30
C VAL F 257 -2.70 -20.51 28.54
N VAL F 258 -3.25 -19.48 29.18
CA VAL F 258 -4.02 -19.70 30.41
C VAL F 258 -5.25 -20.55 30.13
N VAL F 259 -5.97 -20.26 29.04
CA VAL F 259 -7.16 -21.03 28.70
C VAL F 259 -6.79 -22.46 28.38
N PHE F 260 -5.72 -22.67 27.61
CA PHE F 260 -5.29 -24.02 27.29
C PHE F 260 -4.96 -24.81 28.56
N ILE F 261 -4.23 -24.19 29.48
CA ILE F 261 -3.88 -24.87 30.72
C ILE F 261 -5.14 -25.21 31.52
N LEU F 262 -6.02 -24.22 31.72
CA LEU F 262 -7.21 -24.44 32.52
C LEU F 262 -8.15 -25.46 31.89
N SER F 263 -8.11 -25.62 30.57
CA SER F 263 -9.01 -26.55 29.90
C SER F 263 -8.44 -27.96 29.77
N ALA F 264 -7.11 -28.10 29.69
CA ALA F 264 -6.50 -29.40 29.46
C ALA F 264 -5.89 -30.02 30.72
N ALA F 265 -5.23 -29.22 31.55
CA ALA F 265 -4.47 -29.80 32.67
C ALA F 265 -5.34 -30.65 33.58
N PRO F 266 -6.52 -30.21 34.03
CA PRO F 266 -7.30 -31.07 34.95
C PRO F 266 -7.60 -32.44 34.37
N TYR F 267 -8.00 -32.48 33.10
CA TYR F 267 -8.30 -33.77 32.46
C TYR F 267 -7.05 -34.64 32.37
N HIS F 268 -5.93 -34.05 31.96
CA HIS F 268 -4.73 -34.84 31.72
C HIS F 268 -4.06 -35.24 33.03
N VAL F 269 -4.32 -34.52 34.12
CA VAL F 269 -3.79 -34.94 35.42
C VAL F 269 -4.70 -36.00 36.04
N ILE F 270 -6.01 -35.87 35.85
CA ILE F 270 -6.93 -36.89 36.33
C ILE F 270 -6.70 -38.21 35.59
N GLN F 271 -6.35 -38.14 34.31
CA GLN F 271 -6.03 -39.36 33.56
C GLN F 271 -4.86 -40.10 34.21
N LEU F 272 -3.82 -39.38 34.61
CA LEU F 272 -2.70 -40.01 35.29
C LEU F 272 -3.11 -40.54 36.65
N VAL F 273 -3.96 -39.82 37.38
CA VAL F 273 -4.43 -40.30 38.68
C VAL F 273 -5.21 -41.60 38.50
N ASN F 274 -6.07 -41.67 37.48
CA ASN F 274 -6.84 -42.87 37.24
C ASN F 274 -5.96 -44.05 36.81
N LEU F 275 -4.72 -43.78 36.40
CA LEU F 275 -3.83 -44.88 36.02
C LEU F 275 -3.60 -45.83 37.18
N GLN F 276 -3.58 -45.33 38.41
CA GLN F 276 -3.49 -46.15 39.62
C GLN F 276 -4.80 -45.96 40.39
N MET F 277 -5.79 -46.78 40.04
CA MET F 277 -7.11 -46.67 40.65
C MET F 277 -7.91 -47.91 40.33
N GLU F 278 -8.54 -48.50 41.34
CA GLU F 278 -9.39 -49.67 41.18
C GLU F 278 -10.75 -49.39 41.80
N GLN F 279 -11.80 -49.79 41.10
CA GLN F 279 -13.17 -49.56 41.56
C GLN F 279 -13.37 -48.08 41.87
N PRO F 280 -13.42 -47.22 40.85
CA PRO F 280 -13.56 -45.79 41.11
C PRO F 280 -14.85 -45.47 41.86
N THR F 281 -14.76 -44.48 42.74
CA THR F 281 -15.90 -44.07 43.55
C THR F 281 -16.76 -43.07 42.80
N LEU F 282 -17.92 -42.76 43.38
CA LEU F 282 -18.84 -41.82 42.74
C LEU F 282 -18.21 -40.44 42.61
N ALA F 283 -17.52 -39.98 43.65
CA ALA F 283 -16.89 -38.65 43.59
C ALA F 283 -15.85 -38.60 42.48
N PHE F 284 -15.02 -39.64 42.35
CA PHE F 284 -14.02 -39.66 41.30
C PHE F 284 -14.69 -39.70 39.92
N TYR F 285 -15.79 -40.44 39.79
CA TYR F 285 -16.52 -40.46 38.53
C TYR F 285 -17.06 -39.08 38.16
N VAL F 286 -17.61 -38.36 39.15
CA VAL F 286 -18.12 -37.02 38.88
C VAL F 286 -16.98 -36.09 38.50
N GLY F 287 -15.85 -36.20 39.19
CA GLY F 287 -14.70 -35.37 38.83
C GLY F 287 -14.21 -35.65 37.43
N TYR F 288 -14.16 -36.93 37.05
CA TYR F 288 -13.74 -37.28 35.70
C TYR F 288 -14.71 -36.73 34.67
N TYR F 289 -16.02 -36.84 34.94
CA TYR F 289 -17.01 -36.30 34.02
C TYR F 289 -16.85 -34.79 33.87
N LEU F 290 -16.64 -34.08 34.98
CA LEU F 290 -16.45 -32.64 34.92
C LEU F 290 -15.20 -32.29 34.11
N SER F 291 -14.12 -33.04 34.31
CA SER F 291 -12.90 -32.79 33.54
C SER F 291 -13.14 -33.02 32.06
N ILE F 292 -13.89 -34.07 31.71
CA ILE F 292 -14.21 -34.32 30.31
C ILE F 292 -15.00 -33.15 29.74
N CYS F 293 -16.00 -32.66 30.49
CA CYS F 293 -16.77 -31.51 30.03
C CYS F 293 -15.89 -30.28 29.88
N LEU F 294 -14.98 -30.07 30.84
CA LEU F 294 -14.08 -28.91 30.78
C LEU F 294 -13.02 -29.05 29.69
N SER F 295 -12.78 -30.26 29.19
CA SER F 295 -11.76 -30.46 28.17
C SER F 295 -12.07 -29.70 26.89
N TYR F 296 -13.35 -29.47 26.59
CA TYR F 296 -13.75 -28.77 25.38
C TYR F 296 -13.92 -27.27 25.58
N ALA F 297 -13.64 -26.76 26.79
CA ALA F 297 -13.85 -25.34 27.06
C ALA F 297 -12.97 -24.46 26.18
N SER F 298 -11.71 -24.86 25.99
CA SER F 298 -10.80 -24.04 25.20
C SER F 298 -11.27 -23.90 23.76
N SER F 299 -11.79 -24.98 23.18
CA SER F 299 -12.25 -24.94 21.81
C SER F 299 -13.34 -23.90 21.59
N SER F 300 -14.10 -23.57 22.64
CA SER F 300 -15.13 -22.54 22.54
C SER F 300 -14.63 -21.17 22.99
N ILE F 301 -13.69 -21.13 23.93
CA ILE F 301 -13.17 -19.85 24.40
C ILE F 301 -12.30 -19.19 23.32
N ASN F 302 -11.48 -19.99 22.63
CA ASN F 302 -10.53 -19.42 21.68
C ASN F 302 -11.19 -18.50 20.65
N PRO F 303 -12.30 -18.87 20.01
CA PRO F 303 -12.93 -17.92 19.08
C PRO F 303 -13.32 -16.62 19.72
N PHE F 304 -13.79 -16.64 20.97
CA PHE F 304 -14.06 -15.40 21.68
C PHE F 304 -12.78 -14.61 21.93
N LEU F 305 -11.68 -15.31 22.21
CA LEU F 305 -10.40 -14.62 22.38
C LEU F 305 -10.00 -13.89 21.10
N TYR F 306 -10.17 -14.55 19.95
CA TYR F 306 -9.77 -13.94 18.69
C TYR F 306 -10.76 -12.86 18.25
N ILE F 307 -12.01 -12.94 18.69
CA ILE F 307 -13.03 -11.99 18.29
C ILE F 307 -13.00 -10.77 19.19
N LEU F 308 -13.16 -10.98 20.50
CA LEU F 308 -13.32 -9.87 21.42
C LEU F 308 -11.96 -9.35 21.90
N LEU F 309 -11.12 -10.24 22.44
CA LEU F 309 -9.87 -9.80 23.05
C LEU F 309 -8.84 -9.38 22.01
N SER F 310 -9.00 -9.79 20.77
CA SER F 310 -8.02 -9.45 19.74
C SER F 310 -7.97 -7.94 19.52
N GLY F 311 -6.99 -7.52 18.73
CA GLY F 311 -6.76 -6.11 18.47
C GLY F 311 -7.72 -5.53 17.46
N ASN F 312 -8.99 -5.40 17.83
CA ASN F 312 -10.02 -4.82 16.97
C ASN F 312 -10.14 -5.59 15.66
N PHE F 313 -10.38 -6.89 15.79
CA PHE F 313 -10.59 -7.78 14.65
C PHE F 313 -12.05 -7.88 14.24
N GLN F 314 -12.97 -7.25 14.98
CA GLN F 314 -14.38 -7.32 14.65
C GLN F 314 -14.71 -6.55 13.37
N LYS F 315 -13.88 -5.57 12.99
CA LYS F 315 -14.16 -4.77 11.80
C LYS F 315 -14.04 -5.58 10.52
N ARG F 316 -13.47 -6.77 10.56
CA ARG F 316 -13.36 -7.61 9.37
C ARG F 316 -14.64 -8.39 9.07
N LEU F 317 -15.63 -8.33 9.93
CA LEU F 317 -16.90 -9.03 9.71
C LEU F 317 -17.63 -8.44 8.51
#